data_5HLN
#
_entry.id   5HLN
#
_cell.length_a   163.521
_cell.length_b   163.521
_cell.length_c   84.930
_cell.angle_alpha   90.000
_cell.angle_beta   90.000
_cell.angle_gamma   120.000
#
_symmetry.space_group_name_H-M   'P 65'
#
loop_
_entity.id
_entity.type
_entity.pdbx_description
1 polymer 'Glycogen synthase kinase-3 beta'
2 non-polymer CHIR99021
3 non-polymer 'MAGNESIUM ION'
4 non-polymer '2-(N-MORPHOLINO)-ETHANESULFONIC ACID'
#
_entity_poly.entity_id   1
_entity_poly.type   'polypeptide(L)'
_entity_poly.pdbx_seq_one_letter_code
;GSPGMSGRPRTTSFAESCKPVQQPSAFGSMKVSRDKDGSKVTTVVATPGQGPDRPQEVSYTDTKVIGNGSFGVVYQAKLC
DSGELVAIKKVLQDKRFKNRELQIMRKLDHCNIVRLRYFFYSSGEKKDEVYLNLVLDYVPETVYRVARHYSRAKQTLPVI
YVKLYMYQLFRSLAYIHSFGICHRDIKPQNLLLDPDTAVLKLCDFGSAKQLVRGEPNVS(PTR)ICSRYYRAPELIFGAT
DYTSSIDVWSAGCVLAELLLGQPIFPGDSGVDQLVEIIKVLGTPTREQIREMNPNYTEFKFPQIKAHPWTKVFRPRTPPE
AIALCSRLLEYTPTARLTPLEACAHSFFDELRDPNVKLPNGRDTPALFNFTTQELSSNPPLATILIPPHARIQAAASTPT
NATAASDANTGDRGQTNNAASASASNST
;
_entity_poly.pdbx_strand_id   A,B
#
loop_
_chem_comp.id
_chem_comp.type
_chem_comp.name
_chem_comp.formula
65C non-polymer CHIR99021 'C22 H18 Cl2 N8'
MES non-polymer '2-(N-MORPHOLINO)-ETHANESULFONIC ACID' 'C6 H13 N O4 S'
MG non-polymer 'MAGNESIUM ION' 'Mg 2'
#
# COMPACT_ATOMS: atom_id res chain seq x y z
N GLY A 38 -14.46 11.48 -43.22
CA GLY A 38 -14.62 10.16 -42.53
C GLY A 38 -13.29 9.68 -41.94
N SER A 39 -13.36 9.08 -40.75
CA SER A 39 -12.23 8.36 -40.08
C SER A 39 -12.82 7.06 -39.47
N LYS A 40 -12.07 6.30 -38.67
CA LYS A 40 -12.67 5.10 -37.98
C LYS A 40 -13.68 5.49 -36.90
N VAL A 41 -14.94 5.17 -37.17
CA VAL A 41 -16.04 5.33 -36.22
C VAL A 41 -16.40 4.00 -35.61
N THR A 42 -16.36 3.92 -34.28
CA THR A 42 -17.00 2.85 -33.54
C THR A 42 -18.47 3.25 -33.28
N THR A 43 -19.37 2.28 -33.48
CA THR A 43 -20.79 2.40 -33.11
C THR A 43 -21.21 1.28 -32.19
N VAL A 44 -21.93 1.62 -31.11
CA VAL A 44 -22.31 0.68 -30.07
C VAL A 44 -23.71 0.99 -29.60
N VAL A 45 -24.27 0.03 -28.87
CA VAL A 45 -25.61 0.21 -28.33
C VAL A 45 -25.42 0.38 -26.86
N ALA A 46 -25.78 1.56 -26.37
CA ALA A 46 -25.47 1.96 -25.02
C ALA A 46 -26.66 2.58 -24.38
N THR A 47 -26.79 2.31 -23.10
CA THR A 47 -27.92 2.74 -22.33
C THR A 47 -27.60 4.07 -21.64
N PRO A 48 -28.45 5.08 -21.79
CA PRO A 48 -28.32 6.25 -21.00
C PRO A 48 -28.00 6.05 -19.54
N GLY A 49 -27.20 6.96 -18.98
CA GLY A 49 -26.77 6.93 -17.59
C GLY A 49 -27.92 7.19 -16.65
N GLN A 50 -28.67 8.25 -16.93
CA GLN A 50 -29.98 8.45 -16.29
C GLN A 50 -31.00 7.61 -17.07
N GLY A 51 -32.30 7.85 -16.89
CA GLY A 51 -33.33 7.14 -17.66
C GLY A 51 -33.51 5.66 -17.29
N PRO A 52 -34.55 4.99 -17.85
CA PRO A 52 -34.73 3.54 -17.68
C PRO A 52 -34.15 2.78 -18.87
N ASP A 53 -33.43 1.68 -18.62
CA ASP A 53 -32.75 0.87 -19.67
C ASP A 53 -33.32 0.84 -21.11
N ARG A 54 -33.34 1.99 -21.80
CA ARG A 54 -33.75 2.09 -23.19
C ARG A 54 -32.51 2.47 -24.02
N PRO A 55 -31.79 1.45 -24.51
CA PRO A 55 -30.59 1.65 -25.32
C PRO A 55 -30.77 2.48 -26.56
N GLN A 56 -29.67 3.08 -27.00
CA GLN A 56 -29.61 3.71 -28.31
C GLN A 56 -28.24 3.52 -28.92
N GLU A 57 -28.17 3.76 -30.22
CA GLU A 57 -26.93 3.62 -30.98
C GLU A 57 -26.16 4.90 -30.69
N VAL A 58 -24.91 4.74 -30.29
CA VAL A 58 -24.05 5.89 -30.05
C VAL A 58 -22.79 5.62 -30.87
N SER A 59 -22.50 6.54 -31.77
CA SER A 59 -21.25 6.51 -32.52
C SER A 59 -20.26 7.51 -31.90
N TYR A 60 -19.01 7.08 -31.83
CA TYR A 60 -17.92 7.94 -31.47
C TYR A 60 -16.70 7.70 -32.34
N THR A 61 -15.79 8.67 -32.35
CA THR A 61 -14.58 8.63 -33.19
C THR A 61 -13.32 9.14 -32.42
N ASP A 62 -12.18 9.16 -33.09
CA ASP A 62 -10.93 9.75 -32.55
C ASP A 62 -10.48 9.17 -31.20
N THR A 63 -10.62 7.86 -31.04
CA THR A 63 -10.23 7.21 -29.80
C THR A 63 -8.72 7.32 -29.54
N LYS A 64 -8.35 7.90 -28.40
CA LYS A 64 -6.96 7.92 -27.91
C LYS A 64 -6.99 7.33 -26.52
N VAL A 65 -5.92 6.65 -26.15
CA VAL A 65 -5.79 6.21 -24.76
C VAL A 65 -5.26 7.34 -23.93
N ILE A 66 -5.85 7.52 -22.76
CA ILE A 66 -5.40 8.50 -21.80
C ILE A 66 -4.42 7.84 -20.86
N GLY A 67 -4.89 6.81 -20.18
CA GLY A 67 -4.12 6.16 -19.14
C GLY A 67 -4.64 4.79 -18.83
N ASN A 68 -4.05 4.19 -17.82
CA ASN A 68 -4.10 2.77 -17.59
C ASN A 68 -3.81 2.49 -16.11
N GLY A 69 -4.65 1.73 -15.42
CA GLY A 69 -4.37 1.34 -14.05
C GLY A 69 -5.43 0.54 -13.30
N SER A 70 -5.38 0.66 -11.97
CA SER A 70 -6.39 0.20 -11.02
C SER A 70 -7.82 0.39 -11.55
N PHE A 71 -8.10 1.61 -11.99
CA PHE A 71 -9.39 2.03 -12.56
C PHE A 71 -9.76 1.30 -13.86
N GLY A 72 -8.75 0.74 -14.55
CA GLY A 72 -8.95 -0.03 -15.77
C GLY A 72 -8.22 0.63 -16.92
N VAL A 73 -8.95 0.98 -17.97
CA VAL A 73 -8.41 1.82 -19.05
C VAL A 73 -9.39 2.94 -19.36
N VAL A 74 -8.85 4.15 -19.56
CA VAL A 74 -9.66 5.28 -19.94
C VAL A 74 -9.20 5.77 -21.28
N TYR A 75 -10.14 5.85 -22.21
CA TYR A 75 -9.90 6.41 -23.50
C TYR A 75 -10.55 7.75 -23.58
N GLN A 76 -9.96 8.60 -24.38
CA GLN A 76 -10.63 9.77 -24.85
C GLN A 76 -11.27 9.43 -26.19
N ALA A 77 -12.44 9.99 -26.45
CA ALA A 77 -13.08 9.86 -27.73
C ALA A 77 -14.01 11.04 -27.97
N LYS A 78 -14.48 11.12 -29.23
CA LYS A 78 -15.38 12.18 -29.67
C LYS A 78 -16.73 11.61 -30.14
N LEU A 79 -17.81 12.10 -29.53
CA LEU A 79 -19.14 11.77 -29.98
C LEU A 79 -19.32 12.35 -31.38
N CYS A 80 -19.63 11.48 -32.34
CA CYS A 80 -19.87 11.86 -33.75
C CYS A 80 -21.07 12.77 -33.88
N ASP A 81 -22.14 12.37 -33.22
CA ASP A 81 -23.39 13.12 -33.10
C ASP A 81 -23.10 14.59 -32.70
N SER A 82 -22.67 14.79 -31.46
CA SER A 82 -22.56 16.13 -30.90
C SER A 82 -21.22 16.80 -31.12
N GLY A 83 -20.24 16.13 -31.71
CA GLY A 83 -18.83 16.63 -31.64
C GLY A 83 -18.12 16.66 -30.26
N GLU A 84 -18.86 16.50 -29.15
CA GLU A 84 -18.33 16.61 -27.79
C GLU A 84 -17.30 15.55 -27.46
N LEU A 85 -16.36 15.89 -26.59
CA LEU A 85 -15.32 14.96 -26.18
C LEU A 85 -15.75 14.18 -24.96
N VAL A 86 -15.32 12.92 -24.88
CA VAL A 86 -15.69 12.07 -23.75
C VAL A 86 -14.60 11.14 -23.32
N ALA A 87 -14.69 10.78 -22.05
CA ALA A 87 -13.83 9.77 -21.52
C ALA A 87 -14.66 8.51 -21.57
N ILE A 88 -14.06 7.42 -22.06
CA ILE A 88 -14.64 6.10 -21.93
C ILE A 88 -13.79 5.30 -20.96
N LYS A 89 -14.36 4.98 -19.81
CA LYS A 89 -13.68 4.15 -18.80
C LYS A 89 -14.08 2.67 -18.99
N LYS A 90 -13.11 1.83 -19.40
CA LYS A 90 -13.31 0.38 -19.63
C LYS A 90 -12.77 -0.51 -18.51
N VAL A 91 -13.66 -0.92 -17.62
CA VAL A 91 -13.32 -1.86 -16.54
C VAL A 91 -13.54 -3.33 -16.97
N LEU A 92 -12.56 -4.21 -16.71
CA LEU A 92 -12.79 -5.66 -16.80
C LEU A 92 -13.62 -6.04 -15.60
N GLN A 93 -14.78 -6.66 -15.80
CA GLN A 93 -15.60 -7.05 -14.66
C GLN A 93 -15.77 -8.56 -14.55
N ASP A 94 -15.96 -9.00 -13.29
CA ASP A 94 -16.08 -10.40 -12.88
C ASP A 94 -17.40 -10.58 -12.11
N LYS A 95 -18.32 -11.32 -12.74
CA LYS A 95 -19.72 -11.51 -12.30
C LYS A 95 -19.81 -12.06 -10.86
N ARG A 96 -18.79 -12.82 -10.47
CA ARG A 96 -18.69 -13.40 -9.12
C ARG A 96 -18.75 -12.37 -8.02
N PHE A 97 -18.13 -11.20 -8.27
CA PHE A 97 -17.99 -10.13 -7.26
C PHE A 97 -19.01 -9.05 -7.48
N LYS A 98 -19.35 -8.34 -6.41
CA LYS A 98 -20.28 -7.22 -6.51
C LYS A 98 -19.48 -6.06 -7.07
N ASN A 99 -19.96 -5.48 -8.17
CA ASN A 99 -19.23 -4.42 -8.87
C ASN A 99 -20.09 -3.13 -8.92
N ARG A 100 -20.21 -2.53 -7.74
CA ARG A 100 -21.13 -1.41 -7.52
C ARG A 100 -20.84 -0.04 -8.24
N GLU A 101 -19.79 0.04 -9.08
CA GLU A 101 -19.50 1.32 -9.77
C GLU A 101 -20.65 1.78 -10.63
N LEU A 102 -21.15 0.92 -11.52
CA LEU A 102 -22.26 1.29 -12.37
C LEU A 102 -23.50 1.73 -11.59
N GLN A 103 -23.91 0.93 -10.63
CA GLN A 103 -25.09 1.26 -9.86
C GLN A 103 -25.03 2.70 -9.34
N ILE A 104 -23.85 3.09 -8.89
CA ILE A 104 -23.68 4.37 -8.20
C ILE A 104 -23.59 5.49 -9.22
N MET A 105 -22.85 5.26 -10.29
CA MET A 105 -22.75 6.25 -11.37
C MET A 105 -24.07 6.67 -11.94
N ARG A 106 -24.99 5.72 -12.11
CA ARG A 106 -26.36 6.02 -12.56
C ARG A 106 -27.14 6.81 -11.49
N LYS A 107 -26.85 6.57 -10.24
CA LYS A 107 -27.60 7.14 -9.14
C LYS A 107 -27.45 8.62 -9.00
N LEU A 108 -26.48 9.26 -9.66
CA LEU A 108 -26.07 10.56 -9.12
C LEU A 108 -25.70 11.59 -10.15
N ASP A 109 -25.89 12.84 -9.76
CA ASP A 109 -25.92 13.94 -10.68
C ASP A 109 -25.53 15.27 -9.99
N HIS A 110 -24.29 15.72 -10.18
CA HIS A 110 -23.80 16.88 -9.43
C HIS A 110 -22.69 17.54 -10.21
N CYS A 111 -22.70 18.88 -10.28
CA CYS A 111 -21.75 19.61 -11.16
C CYS A 111 -20.28 19.42 -10.86
N ASN A 112 -19.98 19.20 -9.58
CA ASN A 112 -18.67 18.72 -9.16
C ASN A 112 -18.40 17.21 -9.17
N ILE A 113 -19.15 16.43 -9.95
CA ILE A 113 -18.87 14.98 -10.14
C ILE A 113 -19.01 14.65 -11.60
N VAL A 114 -18.23 13.67 -12.04
CA VAL A 114 -18.17 13.37 -13.47
C VAL A 114 -19.53 12.74 -13.87
N ARG A 115 -20.03 13.06 -15.06
CA ARG A 115 -21.35 12.55 -15.50
C ARG A 115 -21.24 11.33 -16.32
N LEU A 116 -22.09 10.36 -16.02
CA LEU A 116 -22.22 9.20 -16.86
C LEU A 116 -23.19 9.56 -17.98
N ARG A 117 -22.77 9.40 -19.21
CA ARG A 117 -23.62 9.65 -20.34
C ARG A 117 -24.31 8.39 -20.82
N TYR A 118 -23.50 7.37 -21.00
CA TYR A 118 -23.96 6.12 -21.52
C TYR A 118 -23.13 5.10 -20.82
N PHE A 119 -23.49 3.84 -21.01
CA PHE A 119 -22.63 2.74 -20.68
C PHE A 119 -23.04 1.58 -21.53
N PHE A 120 -22.13 0.63 -21.66
CA PHE A 120 -22.29 -0.43 -22.64
C PHE A 120 -21.30 -1.56 -22.38
N TYR A 121 -21.47 -2.68 -23.09
CA TYR A 121 -20.78 -3.90 -22.72
C TYR A 121 -19.94 -4.30 -23.91
N SER A 122 -18.84 -5.01 -23.66
CA SER A 122 -17.81 -5.22 -24.68
C SER A 122 -17.13 -6.53 -24.41
N SER A 123 -16.40 -7.00 -25.41
CA SER A 123 -15.82 -8.34 -25.39
C SER A 123 -14.32 -8.32 -25.16
N ASP A 128 -10.98 -11.03 -23.03
CA ASP A 128 -11.75 -12.20 -23.43
C ASP A 128 -13.18 -12.27 -22.84
N GLU A 129 -13.36 -11.85 -21.58
CA GLU A 129 -14.64 -11.99 -20.84
C GLU A 129 -15.50 -10.71 -21.03
N VAL A 130 -16.27 -10.31 -20.00
CA VAL A 130 -17.11 -9.07 -20.04
C VAL A 130 -16.44 -7.77 -19.51
N TYR A 131 -16.65 -6.70 -20.26
CA TYR A 131 -16.08 -5.40 -20.00
C TYR A 131 -17.18 -4.36 -19.88
N LEU A 132 -17.16 -3.58 -18.79
CA LEU A 132 -18.07 -2.45 -18.64
C LEU A 132 -17.42 -1.22 -19.28
N ASN A 133 -18.20 -0.44 -20.03
CA ASN A 133 -17.71 0.75 -20.69
C ASN A 133 -18.57 1.91 -20.23
N LEU A 134 -18.05 2.70 -19.30
CA LEU A 134 -18.73 3.90 -18.86
C LEU A 134 -18.28 5.01 -19.76
N VAL A 135 -19.23 5.76 -20.30
CA VAL A 135 -18.93 6.88 -21.16
C VAL A 135 -19.24 8.08 -20.35
N LEU A 136 -18.18 8.81 -20.00
CA LEU A 136 -18.24 9.90 -19.08
C LEU A 136 -17.80 11.21 -19.72
N ASP A 137 -18.14 12.32 -19.03
CA ASP A 137 -17.61 13.66 -19.31
C ASP A 137 -16.09 13.60 -19.37
N TYR A 138 -15.50 14.09 -20.45
CA TYR A 138 -14.05 14.37 -20.49
C TYR A 138 -13.75 15.69 -19.78
N VAL A 139 -12.62 15.73 -19.11
CA VAL A 139 -12.13 16.94 -18.45
C VAL A 139 -10.65 16.94 -18.69
N PRO A 140 -10.07 18.09 -19.08
CA PRO A 140 -8.69 18.09 -19.61
C PRO A 140 -7.53 17.73 -18.63
N GLU A 141 -7.62 18.16 -17.37
CA GLU A 141 -6.54 17.94 -16.41
C GLU A 141 -6.95 17.34 -15.08
N THR A 142 -5.96 16.84 -14.33
CA THR A 142 -6.12 16.45 -12.91
C THR A 142 -5.39 17.45 -12.01
N VAL A 143 -5.83 17.51 -10.75
CA VAL A 143 -5.21 18.31 -9.70
C VAL A 143 -3.80 17.79 -9.52
N TYR A 144 -3.67 16.49 -9.41
CA TYR A 144 -2.37 15.87 -9.30
C TYR A 144 -1.37 16.51 -10.23
N ARG A 145 -1.72 16.57 -11.50
CA ARG A 145 -0.80 17.06 -12.51
C ARG A 145 -0.53 18.53 -12.41
N VAL A 146 -1.58 19.30 -12.19
CA VAL A 146 -1.47 20.74 -12.08
C VAL A 146 -0.66 21.10 -10.85
N ALA A 147 -0.85 20.35 -9.78
CA ALA A 147 -0.05 20.47 -8.58
C ALA A 147 1.39 20.05 -8.86
N ARG A 148 1.58 18.89 -9.47
CA ARG A 148 2.92 18.45 -9.87
C ARG A 148 3.63 19.53 -10.72
N HIS A 149 2.91 20.27 -11.57
CA HIS A 149 3.52 21.33 -12.38
C HIS A 149 4.13 22.38 -11.47
N TYR A 150 3.31 22.96 -10.62
CA TYR A 150 3.75 23.96 -9.62
C TYR A 150 4.89 23.45 -8.70
N SER A 151 4.88 22.17 -8.36
CA SER A 151 5.89 21.56 -7.52
C SER A 151 7.22 21.57 -8.25
N ARG A 152 7.23 21.05 -9.47
CA ARG A 152 8.43 21.08 -10.32
C ARG A 152 8.96 22.48 -10.61
N ALA A 153 8.08 23.50 -10.57
CA ALA A 153 8.49 24.91 -10.73
C ALA A 153 8.87 25.62 -9.42
N LYS A 154 9.01 24.88 -8.33
CA LYS A 154 9.14 25.43 -6.94
C LYS A 154 8.29 26.67 -6.71
N GLN A 155 7.04 26.54 -7.10
CA GLN A 155 6.03 27.58 -7.07
C GLN A 155 4.82 27.13 -6.26
N THR A 156 4.30 28.03 -5.44
CA THR A 156 3.07 27.76 -4.69
C THR A 156 1.85 28.00 -5.59
N LEU A 157 0.97 27.02 -5.61
CA LEU A 157 -0.32 27.17 -6.26
C LEU A 157 -1.06 28.32 -5.57
N PRO A 158 -1.46 29.35 -6.34
CA PRO A 158 -2.20 30.46 -5.74
C PRO A 158 -3.41 29.99 -4.95
N VAL A 159 -3.51 30.46 -3.72
CA VAL A 159 -4.58 30.07 -2.83
C VAL A 159 -5.99 30.13 -3.45
N ILE A 160 -6.30 31.18 -4.19
CA ILE A 160 -7.60 31.24 -4.86
C ILE A 160 -8.00 29.90 -5.54
N TYR A 161 -7.04 29.18 -6.12
CA TYR A 161 -7.31 27.90 -6.77
C TYR A 161 -7.52 26.79 -5.73
N VAL A 162 -6.70 26.81 -4.71
CA VAL A 162 -6.94 25.91 -3.59
C VAL A 162 -8.37 26.08 -3.08
N LYS A 163 -8.77 27.33 -2.80
CA LYS A 163 -10.11 27.60 -2.30
C LYS A 163 -11.15 27.11 -3.29
N LEU A 164 -10.94 27.38 -4.57
CA LEU A 164 -11.89 26.91 -5.56
C LEU A 164 -11.95 25.39 -5.61
N TYR A 165 -10.80 24.77 -5.69
CA TYR A 165 -10.72 23.34 -5.86
C TYR A 165 -11.25 22.61 -4.64
N MET A 166 -10.87 23.07 -3.46
CA MET A 166 -11.23 22.37 -2.25
C MET A 166 -12.70 22.50 -2.00
N TYR A 167 -13.22 23.70 -2.08
CA TYR A 167 -14.67 23.93 -1.98
C TYR A 167 -15.47 22.96 -2.82
N GLN A 168 -15.08 22.81 -4.08
CA GLN A 168 -15.83 21.98 -5.01
C GLN A 168 -15.78 20.51 -4.66
N LEU A 169 -14.61 20.02 -4.27
CA LEU A 169 -14.48 18.69 -3.69
C LEU A 169 -15.46 18.50 -2.56
N PHE A 170 -15.41 19.45 -1.62
CA PHE A 170 -16.29 19.38 -0.45
C PHE A 170 -17.77 19.31 -0.79
N ARG A 171 -18.20 19.97 -1.86
CA ARG A 171 -19.58 19.79 -2.35
C ARG A 171 -19.77 18.38 -2.88
N SER A 172 -18.80 17.87 -3.62
CA SER A 172 -19.01 16.54 -4.19
C SER A 172 -19.15 15.49 -3.11
N LEU A 173 -18.55 15.73 -1.93
CA LEU A 173 -18.66 14.78 -0.82
C LEU A 173 -19.97 14.97 -0.11
N ALA A 174 -20.25 16.16 0.37
CA ALA A 174 -21.58 16.53 0.86
C ALA A 174 -22.68 15.74 0.15
N TYR A 175 -22.59 15.78 -1.17
CA TYR A 175 -23.55 15.13 -2.05
C TYR A 175 -23.52 13.58 -1.98
N ILE A 176 -22.38 12.95 -2.30
CA ILE A 176 -22.31 11.50 -2.22
C ILE A 176 -22.54 10.95 -0.83
N HIS A 177 -22.10 11.70 0.17
CA HIS A 177 -22.28 11.32 1.55
C HIS A 177 -23.71 11.41 1.97
N SER A 178 -24.45 12.42 1.52
CA SER A 178 -25.90 12.46 1.81
C SER A 178 -26.72 11.29 1.25
N PHE A 179 -26.18 10.51 0.33
CA PHE A 179 -26.71 9.19 0.03
C PHE A 179 -26.07 8.10 0.86
N GLY A 180 -25.39 8.47 1.93
CA GLY A 180 -24.48 7.56 2.65
C GLY A 180 -23.48 6.77 1.83
N ILE A 181 -23.07 7.30 0.68
CA ILE A 181 -22.07 6.67 -0.14
C ILE A 181 -20.71 7.33 0.20
N CYS A 182 -19.70 6.48 0.37
CA CYS A 182 -18.34 6.90 0.64
C CYS A 182 -17.49 6.56 -0.59
N HIS A 183 -16.68 7.50 -1.04
CA HIS A 183 -15.88 7.30 -2.25
C HIS A 183 -14.70 6.32 -2.04
N ARG A 184 -14.03 6.48 -0.90
CA ARG A 184 -12.94 5.61 -0.46
C ARG A 184 -11.74 5.51 -1.41
N ASP A 185 -11.47 6.62 -2.08
CA ASP A 185 -10.24 6.84 -2.83
C ASP A 185 -10.07 8.31 -3.26
N ILE A 186 -10.37 9.23 -2.34
CA ILE A 186 -10.08 10.64 -2.57
C ILE A 186 -8.55 10.77 -2.60
N LYS A 187 -8.05 11.25 -3.72
CA LYS A 187 -6.65 11.57 -3.87
C LYS A 187 -6.58 12.47 -5.11
N PRO A 188 -5.44 13.14 -5.32
CA PRO A 188 -5.36 14.14 -6.42
C PRO A 188 -5.58 13.61 -7.83
N GLN A 189 -5.26 12.35 -8.03
CA GLN A 189 -5.39 11.72 -9.34
C GLN A 189 -6.85 11.56 -9.73
N ASN A 190 -7.73 11.49 -8.74
CA ASN A 190 -9.18 11.36 -8.95
C ASN A 190 -9.92 12.65 -8.86
N LEU A 191 -9.20 13.76 -8.82
CA LEU A 191 -9.81 15.06 -8.92
C LEU A 191 -9.43 15.60 -10.28
N LEU A 192 -10.44 15.74 -11.12
CA LEU A 192 -10.27 16.25 -12.45
C LEU A 192 -10.54 17.72 -12.34
N LEU A 193 -9.86 18.50 -13.16
CA LEU A 193 -10.25 19.89 -13.34
C LEU A 193 -10.00 20.42 -14.76
N ASP A 194 -10.89 21.33 -15.15
CA ASP A 194 -10.68 22.26 -16.25
C ASP A 194 -9.94 23.52 -15.72
N PRO A 195 -8.72 23.78 -16.23
CA PRO A 195 -7.96 24.89 -15.71
C PRO A 195 -8.51 26.26 -16.10
N ASP A 196 -9.07 26.39 -17.29
CA ASP A 196 -9.61 27.65 -17.74
C ASP A 196 -10.89 27.99 -17.05
N THR A 197 -11.77 27.00 -16.87
CA THR A 197 -13.09 27.23 -16.24
C THR A 197 -13.07 27.11 -14.75
N ALA A 198 -12.02 26.46 -14.23
CA ALA A 198 -11.79 26.28 -12.77
C ALA A 198 -12.71 25.28 -12.13
N VAL A 199 -13.44 24.54 -12.97
CA VAL A 199 -14.38 23.52 -12.57
C VAL A 199 -13.62 22.28 -12.19
N LEU A 200 -13.90 21.76 -11.00
CA LEU A 200 -13.38 20.47 -10.54
C LEU A 200 -14.47 19.43 -10.60
N LYS A 201 -14.09 18.19 -10.91
CA LYS A 201 -15.02 17.05 -10.92
C LYS A 201 -14.37 15.80 -10.33
N LEU A 202 -15.02 15.25 -9.30
CA LEU A 202 -14.59 13.99 -8.67
C LEU A 202 -14.85 12.82 -9.59
N CYS A 203 -13.96 11.84 -9.59
CA CYS A 203 -14.07 10.71 -10.53
C CYS A 203 -13.60 9.39 -9.92
N ASP A 204 -13.72 8.31 -10.67
CA ASP A 204 -13.36 6.96 -10.19
C ASP A 204 -14.16 6.45 -9.00
N PHE A 205 -15.33 5.87 -9.27
CA PHE A 205 -16.11 5.29 -8.18
C PHE A 205 -15.97 3.76 -8.02
N GLY A 206 -14.89 3.18 -8.55
CA GLY A 206 -14.63 1.75 -8.40
C GLY A 206 -14.44 1.20 -6.99
N SER A 207 -14.20 2.06 -6.02
CA SER A 207 -14.11 1.65 -4.64
C SER A 207 -15.22 2.23 -3.82
N ALA A 208 -15.93 3.23 -4.33
CA ALA A 208 -17.07 3.80 -3.59
C ALA A 208 -18.10 2.74 -3.23
N LYS A 209 -18.88 3.03 -2.19
CA LYS A 209 -19.78 2.06 -1.56
C LYS A 209 -20.70 2.67 -0.51
N GLN A 210 -21.93 2.20 -0.44
CA GLN A 210 -22.79 2.68 0.61
C GLN A 210 -22.33 2.11 1.95
N LEU A 211 -22.11 3.01 2.90
CA LEU A 211 -21.73 2.63 4.26
C LEU A 211 -22.95 2.66 5.16
N VAL A 212 -23.24 1.51 5.76
CA VAL A 212 -24.40 1.35 6.65
C VAL A 212 -23.95 1.08 8.07
N ARG A 213 -24.63 1.74 9.02
CA ARG A 213 -24.27 1.68 10.43
C ARG A 213 -24.45 0.24 10.85
N GLY A 214 -23.47 -0.30 11.55
CA GLY A 214 -23.52 -1.70 11.98
C GLY A 214 -22.74 -2.61 11.06
N GLU A 215 -22.92 -2.47 9.75
CA GLU A 215 -22.24 -3.37 8.81
C GLU A 215 -20.74 -3.14 8.88
N PRO A 216 -19.95 -4.20 8.95
CA PRO A 216 -18.50 -4.00 8.89
C PRO A 216 -18.01 -3.93 7.44
N ASN A 217 -16.94 -3.16 7.17
CA ASN A 217 -16.26 -3.26 5.84
C ASN A 217 -14.77 -3.20 5.98
N VAL A 218 -14.14 -3.75 4.95
CA VAL A 218 -12.70 -3.82 4.76
C VAL A 218 -12.07 -2.44 5.02
N SER A 219 -10.86 -2.44 5.56
CA SER A 219 -10.14 -1.23 5.95
C SER A 219 -8.78 -1.11 5.27
N PTR A 220 -8.50 -1.95 4.28
CA PTR A 220 -7.39 -1.68 3.38
C PTR A 220 -8.06 -1.11 2.16
O PTR A 220 -8.45 -1.86 1.24
CB PTR A 220 -6.53 -2.91 3.14
CG PTR A 220 -5.18 -2.57 2.55
CD1 PTR A 220 -4.40 -1.51 2.99
CD2 PTR A 220 -4.66 -3.36 1.54
CE1 PTR A 220 -3.15 -1.23 2.43
CE2 PTR A 220 -3.41 -3.09 0.98
CZ PTR A 220 -2.64 -2.01 1.39
OH PTR A 220 -1.40 -1.85 0.82
P PTR A 220 -0.43 -0.55 0.70
O1P PTR A 220 0.85 -0.65 1.48
O2P PTR A 220 -0.17 -0.71 -0.79
O3P PTR A 220 -1.25 0.63 1.17
N ILE A 221 -8.21 0.22 2.13
CA ILE A 221 -8.96 0.89 1.06
C ILE A 221 -8.25 2.05 0.35
N CYS A 222 -8.00 3.16 1.04
CA CYS A 222 -7.64 4.37 0.34
C CYS A 222 -6.25 4.21 -0.22
N SER A 223 -5.72 5.20 -0.92
CA SER A 223 -4.30 5.19 -1.21
C SER A 223 -3.55 5.51 0.08
N ARG A 224 -2.30 5.07 0.18
CA ARG A 224 -1.57 5.14 1.44
C ARG A 224 -1.55 6.53 2.04
N TYR A 225 -1.03 7.49 1.26
CA TYR A 225 -0.81 8.88 1.75
C TYR A 225 -2.09 9.63 2.25
N TYR A 226 -3.20 9.21 1.67
CA TYR A 226 -4.49 9.79 1.92
C TYR A 226 -5.32 8.87 2.79
N ARG A 227 -4.74 7.75 3.21
CA ARG A 227 -5.42 6.83 4.11
C ARG A 227 -5.45 7.39 5.52
N ALA A 228 -6.67 7.36 6.06
CA ALA A 228 -6.99 7.93 7.33
C ALA A 228 -6.58 6.94 8.36
N PRO A 229 -6.26 7.41 9.58
CA PRO A 229 -5.55 6.60 10.57
C PRO A 229 -6.38 5.43 11.10
N GLU A 230 -7.69 5.62 11.23
CA GLU A 230 -8.62 4.53 11.61
C GLU A 230 -8.48 3.28 10.76
N LEU A 231 -8.22 3.48 9.48
CA LEU A 231 -8.10 2.38 8.55
C LEU A 231 -6.76 1.68 8.69
N ILE A 232 -5.76 2.42 9.17
CA ILE A 232 -4.42 1.87 9.34
C ILE A 232 -4.44 0.99 10.60
N PHE A 233 -5.32 1.33 11.54
CA PHE A 233 -5.59 0.50 12.69
C PHE A 233 -6.62 -0.63 12.45
N GLY A 234 -6.91 -0.97 11.20
CA GLY A 234 -7.84 -2.04 10.87
C GLY A 234 -9.35 -1.83 11.02
N ALA A 235 -9.76 -0.75 11.68
CA ALA A 235 -11.19 -0.45 12.01
C ALA A 235 -12.21 -0.76 10.91
N THR A 236 -13.24 -1.54 11.23
CA THR A 236 -14.35 -1.81 10.29
C THR A 236 -15.60 -0.98 10.60
N ASP A 237 -15.57 -0.26 11.72
CA ASP A 237 -16.69 0.57 12.19
C ASP A 237 -16.64 2.02 11.65
N TYR A 238 -15.88 2.26 10.57
CA TYR A 238 -15.62 3.63 10.10
C TYR A 238 -16.80 4.23 9.34
N THR A 239 -16.67 5.52 9.01
CA THR A 239 -17.71 6.31 8.39
C THR A 239 -17.21 7.06 7.18
N SER A 240 -18.16 7.65 6.47
CA SER A 240 -17.93 8.72 5.51
C SER A 240 -16.69 9.58 5.79
N SER A 241 -16.47 9.95 7.05
CA SER A 241 -15.41 10.88 7.43
C SER A 241 -13.99 10.40 7.16
N ILE A 242 -13.79 9.20 6.65
CA ILE A 242 -12.50 8.84 6.03
C ILE A 242 -12.17 9.72 4.80
N ASP A 243 -13.20 10.13 4.06
CA ASP A 243 -13.04 10.93 2.86
C ASP A 243 -12.68 12.36 3.23
N VAL A 244 -13.25 12.86 4.34
CA VAL A 244 -12.82 14.13 4.90
C VAL A 244 -11.33 14.14 5.35
N TRP A 245 -10.82 13.02 5.88
CA TRP A 245 -9.40 12.91 6.16
C TRP A 245 -8.61 12.99 4.87
N SER A 246 -9.03 12.25 3.85
CA SER A 246 -8.31 12.27 2.57
C SER A 246 -8.33 13.70 1.95
N ALA A 247 -9.45 14.39 2.12
CA ALA A 247 -9.58 15.72 1.63
C ALA A 247 -8.58 16.63 2.31
N GLY A 248 -8.49 16.55 3.63
CA GLY A 248 -7.50 17.32 4.38
C GLY A 248 -6.06 17.05 3.93
N CYS A 249 -5.80 15.80 3.55
CA CYS A 249 -4.48 15.45 3.08
C CYS A 249 -4.13 16.12 1.75
N VAL A 250 -5.19 16.43 0.98
CA VAL A 250 -5.08 17.04 -0.34
C VAL A 250 -4.89 18.52 -0.17
N LEU A 251 -5.70 19.11 0.72
CA LEU A 251 -5.55 20.53 1.03
C LEU A 251 -4.13 20.86 1.45
N ALA A 252 -3.66 20.08 2.43
CA ALA A 252 -2.35 20.20 2.99
C ALA A 252 -1.32 20.14 1.91
N GLU A 253 -1.48 19.19 1.01
CA GLU A 253 -0.58 18.98 -0.09
C GLU A 253 -0.58 20.11 -1.12
N LEU A 254 -1.69 20.82 -1.23
CA LEU A 254 -1.74 21.98 -2.10
C LEU A 254 -1.11 23.20 -1.47
N LEU A 255 -0.98 23.21 -0.15
CA LEU A 255 -0.33 24.30 0.56
C LEU A 255 1.17 24.06 0.72
N LEU A 256 1.57 22.79 0.84
CA LEU A 256 2.98 22.44 0.97
C LEU A 256 3.63 22.31 -0.39
N GLY A 257 2.86 21.95 -1.39
CA GLY A 257 3.45 21.47 -2.66
C GLY A 257 4.11 20.10 -2.60
N GLN A 258 3.80 19.31 -1.57
CA GLN A 258 4.17 17.91 -1.46
C GLN A 258 3.18 17.23 -0.49
N PRO A 259 3.09 15.90 -0.54
CA PRO A 259 2.16 15.25 0.38
C PRO A 259 2.58 15.44 1.81
N ILE A 260 1.61 15.67 2.68
CA ILE A 260 1.89 15.86 4.10
C ILE A 260 2.32 14.59 4.84
N PHE A 261 1.92 13.39 4.41
CA PHE A 261 2.28 12.14 5.08
C PHE A 261 2.76 11.13 4.07
N PRO A 262 4.01 11.26 3.65
CA PRO A 262 4.49 10.37 2.60
C PRO A 262 5.18 9.11 3.13
N GLY A 263 4.41 8.20 3.71
CA GLY A 263 4.92 6.90 4.10
C GLY A 263 5.75 6.13 3.05
N ASP A 264 7.03 5.97 3.36
CA ASP A 264 7.97 5.03 2.69
C ASP A 264 7.49 3.61 2.50
N SER A 265 6.59 3.16 3.36
CA SER A 265 6.14 1.80 3.45
C SER A 265 4.91 1.79 4.32
N GLY A 266 4.22 0.66 4.42
CA GLY A 266 2.96 0.68 5.18
C GLY A 266 3.14 1.30 6.54
N VAL A 267 4.26 0.94 7.15
CA VAL A 267 4.51 1.28 8.55
C VAL A 267 4.97 2.69 8.73
N ASP A 268 5.80 3.18 7.81
CA ASP A 268 6.25 4.57 7.87
C ASP A 268 5.03 5.51 7.92
N GLN A 269 3.90 5.10 7.36
CA GLN A 269 2.74 5.99 7.25
C GLN A 269 2.22 6.47 8.61
N LEU A 270 2.09 5.54 9.55
CA LEU A 270 1.68 5.87 10.91
C LEU A 270 2.69 6.73 11.60
N VAL A 271 3.96 6.45 11.32
CA VAL A 271 5.04 7.30 11.77
C VAL A 271 4.75 8.71 11.24
N GLU A 272 4.71 8.87 9.91
CA GLU A 272 4.81 10.21 9.37
C GLU A 272 3.60 11.05 9.85
N ILE A 273 2.47 10.38 10.04
CA ILE A 273 1.29 10.98 10.69
C ILE A 273 1.53 11.41 12.15
N ILE A 274 2.11 10.53 12.95
CA ILE A 274 2.23 10.78 14.39
C ILE A 274 3.26 11.87 14.64
N LYS A 275 4.26 11.94 13.74
CA LYS A 275 5.25 13.00 13.79
C LYS A 275 4.70 14.42 13.72
N VAL A 276 3.46 14.60 13.30
CA VAL A 276 2.87 15.95 13.24
C VAL A 276 1.62 16.00 14.12
N LEU A 277 0.66 15.14 13.85
CA LEU A 277 -0.50 15.01 14.75
C LEU A 277 -0.14 14.78 16.23
N GLY A 278 1.04 14.19 16.49
CA GLY A 278 1.41 13.81 17.85
C GLY A 278 0.75 12.51 18.26
N THR A 279 1.22 11.95 19.37
CA THR A 279 0.70 10.67 19.87
C THR A 279 -0.77 10.80 20.28
N PRO A 280 -1.56 9.75 20.07
CA PRO A 280 -3.00 9.94 20.37
C PRO A 280 -3.39 9.73 21.83
N THR A 281 -4.48 10.38 22.29
CA THR A 281 -5.02 10.16 23.64
C THR A 281 -5.48 8.72 23.78
N ARG A 282 -5.55 8.26 25.04
CA ARG A 282 -6.45 7.20 25.50
C ARG A 282 -7.66 7.02 24.56
N GLU A 283 -8.43 8.10 24.43
CA GLU A 283 -9.78 8.15 23.84
C GLU A 283 -9.81 8.36 22.32
N GLN A 284 -8.70 8.82 21.76
CA GLN A 284 -8.57 8.90 20.32
C GLN A 284 -8.40 7.49 19.79
N ILE A 285 -7.49 6.72 20.39
CA ILE A 285 -7.33 5.31 20.06
C ILE A 285 -8.66 4.58 20.30
N ARG A 286 -9.27 4.85 21.45
CA ARG A 286 -10.57 4.26 21.79
C ARG A 286 -11.56 4.53 20.63
N GLU A 287 -11.56 5.77 20.14
CA GLU A 287 -12.44 6.23 19.03
C GLU A 287 -12.05 5.76 17.59
N MET A 288 -10.81 5.35 17.36
CA MET A 288 -10.41 4.82 16.06
C MET A 288 -10.65 3.31 16.00
N ASN A 289 -9.99 2.60 16.92
CA ASN A 289 -10.15 1.15 17.12
C ASN A 289 -9.63 0.72 18.49
N PRO A 290 -10.55 0.34 19.42
CA PRO A 290 -10.13 -0.03 20.80
C PRO A 290 -9.17 -1.24 20.99
N ASN A 291 -8.86 -2.00 19.96
CA ASN A 291 -7.80 -3.01 20.08
C ASN A 291 -6.43 -2.46 20.37
N TYR A 292 -6.21 -1.21 19.99
CA TYR A 292 -4.89 -0.60 20.18
C TYR A 292 -4.77 0.12 21.55
N THR A 293 -5.78 -0.08 22.42
CA THR A 293 -5.91 0.69 23.67
C THR A 293 -4.75 0.50 24.62
N GLU A 294 -4.07 -0.64 24.54
CA GLU A 294 -2.87 -0.90 25.31
C GLU A 294 -1.69 -1.18 24.37
N PHE A 295 -1.58 -0.40 23.28
CA PHE A 295 -0.49 -0.61 22.30
C PHE A 295 0.86 -0.03 22.76
N LYS A 296 0.86 1.16 23.35
CA LYS A 296 2.11 1.82 23.80
C LYS A 296 2.85 2.39 22.60
N PHE A 297 2.40 3.56 22.18
CA PHE A 297 3.05 4.31 21.11
C PHE A 297 4.18 5.09 21.73
N PRO A 298 5.19 5.46 20.95
CA PRO A 298 6.12 6.42 21.54
C PRO A 298 5.38 7.72 21.88
N GLN A 299 5.84 8.48 22.88
CA GLN A 299 5.21 9.77 23.22
C GLN A 299 5.86 10.84 22.38
N ILE A 300 5.14 11.30 21.36
CA ILE A 300 5.54 12.43 20.53
C ILE A 300 4.58 13.60 20.79
N LYS A 301 5.18 14.76 21.07
CA LYS A 301 4.49 16.04 21.13
C LYS A 301 4.05 16.42 19.70
N ALA A 302 2.80 16.87 19.56
CA ALA A 302 2.32 17.30 18.24
C ALA A 302 3.07 18.57 17.80
N HIS A 303 3.40 18.60 16.51
CA HIS A 303 4.08 19.73 15.89
C HIS A 303 2.99 20.72 15.54
N PRO A 304 3.00 21.91 16.14
CA PRO A 304 1.82 22.74 15.96
C PRO A 304 1.67 23.17 14.50
N TRP A 305 0.43 23.40 14.11
CA TRP A 305 0.07 23.49 12.71
C TRP A 305 0.76 24.58 11.99
N THR A 306 0.91 25.69 12.69
CA THR A 306 1.51 26.88 12.10
C THR A 306 2.96 26.65 11.67
N LYS A 307 3.69 25.79 12.38
CA LYS A 307 5.04 25.43 11.98
C LYS A 307 5.08 24.29 10.97
N VAL A 308 3.93 23.72 10.62
CA VAL A 308 3.87 22.69 9.58
C VAL A 308 3.94 23.37 8.24
N PHE A 309 3.16 24.44 8.11
CA PHE A 309 3.01 25.12 6.85
C PHE A 309 4.01 26.23 6.67
N ARG A 310 4.34 26.47 5.41
CA ARG A 310 5.28 27.50 5.01
C ARG A 310 4.77 28.82 5.58
N PRO A 311 5.65 29.81 5.71
CA PRO A 311 5.36 30.84 6.69
C PRO A 311 4.31 31.87 6.26
N ARG A 312 4.10 32.17 4.98
CA ARG A 312 3.02 33.13 4.66
C ARG A 312 1.57 32.57 4.49
N THR A 313 1.33 31.36 4.99
CA THR A 313 0.07 30.61 4.79
C THR A 313 -1.15 31.17 5.55
N PRO A 314 -2.30 31.33 4.85
CA PRO A 314 -3.42 31.98 5.53
C PRO A 314 -4.02 31.13 6.64
N PRO A 315 -4.17 31.72 7.82
CA PRO A 315 -4.68 31.07 9.03
C PRO A 315 -5.86 30.14 8.83
N GLU A 316 -6.83 30.61 8.08
CA GLU A 316 -8.07 29.88 7.89
C GLU A 316 -7.80 28.61 7.08
N ALA A 317 -6.81 28.66 6.19
CA ALA A 317 -6.26 27.44 5.60
C ALA A 317 -5.79 26.50 6.71
N ILE A 318 -4.94 27.03 7.57
CA ILE A 318 -4.38 26.25 8.67
C ILE A 318 -5.49 25.74 9.60
N ALA A 319 -6.48 26.59 9.80
CA ALA A 319 -7.51 26.31 10.76
C ALA A 319 -8.36 25.18 10.25
N LEU A 320 -8.88 25.34 9.04
CA LEU A 320 -9.57 24.30 8.34
C LEU A 320 -8.74 23.02 8.39
N CYS A 321 -7.50 23.09 7.94
CA CYS A 321 -6.69 21.89 7.89
C CYS A 321 -6.65 21.12 9.22
N SER A 322 -6.57 21.85 10.31
CA SER A 322 -6.57 21.24 11.63
C SER A 322 -7.87 20.51 11.98
N ARG A 323 -8.98 20.93 11.39
CA ARG A 323 -10.29 20.36 11.71
C ARG A 323 -10.67 19.24 10.77
N LEU A 324 -9.80 18.93 9.83
CA LEU A 324 -10.01 17.80 8.96
C LEU A 324 -9.11 16.70 9.35
N LEU A 325 -7.84 17.01 9.64
CA LEU A 325 -6.88 15.99 10.05
C LEU A 325 -6.88 15.83 11.56
N GLU A 326 -7.91 15.13 12.01
CA GLU A 326 -8.15 14.78 13.41
C GLU A 326 -8.07 13.26 13.55
N TYR A 327 -7.53 12.81 14.68
CA TYR A 327 -7.58 11.39 15.01
C TYR A 327 -9.01 10.95 15.22
N THR A 328 -9.72 11.57 16.15
CA THR A 328 -11.11 11.18 16.42
C THR A 328 -11.89 11.48 15.16
N PRO A 329 -12.49 10.46 14.52
CA PRO A 329 -13.18 10.78 13.27
C PRO A 329 -14.42 11.64 13.44
N THR A 330 -15.09 11.53 14.56
CA THR A 330 -16.31 12.30 14.73
C THR A 330 -16.01 13.77 15.01
N ALA A 331 -14.75 14.10 15.30
CA ALA A 331 -14.31 15.48 15.50
C ALA A 331 -14.05 16.25 14.20
N ARG A 332 -13.94 15.52 13.09
CA ARG A 332 -13.65 16.12 11.80
C ARG A 332 -14.89 16.79 11.26
N LEU A 333 -14.70 17.88 10.52
CA LEU A 333 -15.83 18.57 9.93
C LEU A 333 -16.54 17.67 8.94
N THR A 334 -17.85 17.90 8.81
CA THR A 334 -18.59 17.33 7.71
C THR A 334 -18.26 18.16 6.48
N PRO A 335 -18.47 17.60 5.27
CA PRO A 335 -18.20 18.35 4.04
C PRO A 335 -18.93 19.67 3.91
N LEU A 336 -20.16 19.73 4.39
CA LEU A 336 -20.93 20.96 4.32
C LEU A 336 -20.40 21.98 5.33
N GLU A 337 -20.14 21.56 6.56
CA GLU A 337 -19.45 22.44 7.52
C GLU A 337 -18.15 23.07 6.95
N ALA A 338 -17.41 22.28 6.18
CA ALA A 338 -16.17 22.71 5.57
C ALA A 338 -16.40 23.77 4.51
N CYS A 339 -17.36 23.53 3.60
CA CYS A 339 -17.74 24.52 2.58
C CYS A 339 -18.09 25.88 3.21
N ALA A 340 -18.71 25.85 4.38
CA ALA A 340 -19.10 27.07 5.08
C ALA A 340 -17.95 27.76 5.90
N HIS A 341 -16.77 27.14 5.92
CA HIS A 341 -15.61 27.68 6.62
C HIS A 341 -15.17 29.04 6.06
N SER A 342 -14.52 29.83 6.90
CA SER A 342 -14.08 31.17 6.51
C SER A 342 -13.02 31.22 5.42
N PHE A 343 -12.45 30.06 5.07
CA PHE A 343 -11.39 29.94 4.09
C PHE A 343 -12.02 30.06 2.69
N PHE A 344 -13.31 29.76 2.59
CA PHE A 344 -13.99 29.93 1.33
C PHE A 344 -14.76 31.24 1.25
N ASP A 345 -14.63 32.13 2.25
CA ASP A 345 -15.36 33.39 2.22
C ASP A 345 -15.02 34.18 0.97
N GLU A 346 -13.75 34.16 0.55
CA GLU A 346 -13.38 34.91 -0.66
C GLU A 346 -14.27 34.57 -1.85
N LEU A 347 -14.70 33.31 -1.96
CA LEU A 347 -15.51 32.84 -3.09
C LEU A 347 -16.95 33.33 -3.04
N ARG A 348 -17.45 33.64 -1.84
CA ARG A 348 -18.80 34.17 -1.69
C ARG A 348 -18.85 35.68 -1.88
N ASP A 349 -17.69 36.31 -2.09
CA ASP A 349 -17.61 37.72 -2.47
C ASP A 349 -18.22 37.85 -3.86
N PRO A 350 -19.15 38.79 -4.04
CA PRO A 350 -19.78 38.95 -5.36
C PRO A 350 -18.83 39.52 -6.42
N ASN A 351 -17.77 40.18 -6.00
CA ASN A 351 -16.82 40.71 -6.94
C ASN A 351 -15.80 39.71 -7.44
N VAL A 352 -15.70 38.55 -6.79
CA VAL A 352 -14.59 37.63 -7.08
C VAL A 352 -14.55 37.17 -8.54
N LYS A 353 -13.34 36.94 -9.06
CA LYS A 353 -13.10 36.44 -10.41
C LYS A 353 -11.92 35.51 -10.43
N LEU A 354 -11.84 34.74 -11.50
CA LEU A 354 -10.66 33.94 -11.77
C LEU A 354 -9.55 34.86 -12.29
N PRO A 355 -8.29 34.59 -11.91
CA PRO A 355 -7.08 35.19 -12.46
C PRO A 355 -7.02 35.49 -13.96
N ASN A 356 -7.46 34.55 -14.77
CA ASN A 356 -7.61 34.81 -16.20
C ASN A 356 -8.81 35.70 -16.57
N GLY A 357 -9.45 36.32 -15.58
CA GLY A 357 -10.51 37.27 -15.84
C GLY A 357 -11.91 36.70 -15.96
N ARG A 358 -12.05 35.38 -16.12
CA ARG A 358 -13.37 34.75 -16.19
C ARG A 358 -14.16 34.75 -14.87
N ASP A 359 -15.44 34.43 -15.00
CA ASP A 359 -16.31 34.29 -13.86
C ASP A 359 -16.02 32.97 -13.15
N THR A 360 -16.34 32.92 -11.87
CA THR A 360 -16.19 31.69 -11.12
C THR A 360 -17.27 30.71 -11.56
N PRO A 361 -16.98 29.40 -11.50
CA PRO A 361 -18.00 28.44 -11.89
C PRO A 361 -19.15 28.34 -10.88
N ALA A 362 -20.07 27.40 -11.11
CA ALA A 362 -21.13 27.12 -10.14
C ALA A 362 -20.53 26.75 -8.81
N LEU A 363 -20.94 27.51 -7.80
CA LEU A 363 -20.60 27.25 -6.43
C LEU A 363 -21.80 27.21 -5.48
N PHE A 364 -22.98 27.74 -5.88
CA PHE A 364 -24.10 27.95 -4.93
C PHE A 364 -25.43 27.38 -5.35
N ASN A 365 -25.39 26.47 -6.30
CA ASN A 365 -26.57 25.88 -6.85
C ASN A 365 -26.86 24.59 -6.10
N PHE A 366 -26.99 24.72 -4.79
CA PHE A 366 -27.27 23.59 -3.94
C PHE A 366 -28.72 23.08 -4.15
N THR A 367 -28.88 21.77 -4.00
CA THR A 367 -30.16 21.12 -3.87
C THR A 367 -30.38 20.71 -2.44
N THR A 368 -31.61 20.30 -2.14
CA THR A 368 -32.01 19.97 -0.76
C THR A 368 -31.35 18.66 -0.33
N GLN A 369 -31.17 17.74 -1.29
CA GLN A 369 -30.28 16.58 -1.09
C GLN A 369 -29.00 16.94 -0.38
N GLU A 370 -28.27 17.86 -1.00
CA GLU A 370 -26.93 18.32 -0.63
C GLU A 370 -26.89 18.87 0.77
N LEU A 371 -27.87 19.69 1.08
CA LEU A 371 -27.96 20.32 2.37
C LEU A 371 -28.62 19.50 3.49
N SER A 372 -29.05 18.24 3.20
CA SER A 372 -29.78 17.41 4.19
C SER A 372 -29.02 17.32 5.51
N SER A 373 -27.78 16.83 5.49
CA SER A 373 -26.81 16.98 6.61
C SER A 373 -27.01 18.22 7.54
N ASN A 374 -27.19 19.40 7.00
CA ASN A 374 -27.37 20.58 7.86
C ASN A 374 -27.98 21.75 7.07
N PRO A 375 -29.30 21.70 6.79
CA PRO A 375 -29.93 22.65 5.91
C PRO A 375 -29.83 24.14 6.26
N PRO A 376 -29.76 24.49 7.55
CA PRO A 376 -29.69 25.95 7.85
C PRO A 376 -28.43 26.66 7.37
N LEU A 377 -27.36 25.89 7.15
CA LEU A 377 -26.12 26.41 6.57
C LEU A 377 -26.33 27.16 5.25
N ALA A 378 -27.31 26.74 4.44
CA ALA A 378 -27.80 27.49 3.26
C ALA A 378 -27.61 29.02 3.31
N THR A 379 -27.94 29.58 4.45
CA THR A 379 -27.78 31.01 4.68
C THR A 379 -26.35 31.50 4.55
N ILE A 380 -25.40 30.72 5.01
CA ILE A 380 -24.00 31.07 4.78
C ILE A 380 -23.58 30.61 3.37
N LEU A 381 -23.97 29.40 2.99
CA LEU A 381 -23.46 28.77 1.78
C LEU A 381 -23.81 29.48 0.50
N ILE A 382 -25.08 29.83 0.37
CA ILE A 382 -25.58 30.64 -0.73
C ILE A 382 -25.60 32.06 -0.20
N PRO A 383 -24.71 32.94 -0.70
CA PRO A 383 -24.76 34.33 -0.22
C PRO A 383 -25.86 35.05 -0.98
N PRO A 384 -26.31 36.21 -0.45
CA PRO A 384 -27.51 36.90 -0.92
C PRO A 384 -27.49 37.21 -2.41
N HIS A 385 -26.40 37.80 -2.88
CA HIS A 385 -26.26 38.04 -4.31
C HIS A 385 -26.45 36.79 -5.17
N ALA A 386 -26.14 35.61 -4.66
CA ALA A 386 -26.36 34.36 -5.40
C ALA A 386 -27.75 33.74 -5.22
N ARG A 387 -28.51 34.23 -4.23
CA ARG A 387 -29.86 33.74 -3.96
C ARG A 387 -30.81 34.12 -5.09
N ILE A 388 -31.75 33.22 -5.43
CA ILE A 388 -32.91 33.54 -6.30
C ILE A 388 -34.00 34.44 -5.61
N VAL B 41 39.06 8.03 -0.22
CA VAL B 41 39.09 7.16 1.01
C VAL B 41 38.46 7.88 2.20
N THR B 42 37.54 7.21 2.89
CA THR B 42 37.02 7.69 4.16
C THR B 42 37.25 6.70 5.28
N THR B 43 37.43 7.28 6.45
CA THR B 43 37.82 6.56 7.63
C THR B 43 36.87 7.06 8.72
N VAL B 44 36.23 6.12 9.38
CA VAL B 44 35.22 6.43 10.37
C VAL B 44 35.50 5.59 11.62
N VAL B 45 34.83 5.91 12.74
CA VAL B 45 34.96 5.12 13.96
C VAL B 45 33.69 4.30 14.19
N ALA B 46 33.87 3.01 14.46
CA ALA B 46 32.82 2.01 14.33
C ALA B 46 33.10 0.78 15.18
N THR B 47 32.10 -0.08 15.30
CA THR B 47 32.05 -1.07 16.36
C THR B 47 31.70 -2.45 15.77
N PRO B 48 32.59 -3.44 15.93
CA PRO B 48 32.28 -4.82 15.59
C PRO B 48 30.95 -5.33 16.10
N GLY B 49 30.23 -5.99 15.21
CA GLY B 49 28.88 -6.39 15.47
C GLY B 49 28.73 -7.45 16.53
N GLN B 50 29.59 -8.46 16.46
CA GLN B 50 29.51 -9.58 17.40
C GLN B 50 30.23 -9.22 18.70
N GLY B 51 31.45 -8.74 18.57
CA GLY B 51 32.14 -8.23 19.75
C GLY B 51 33.53 -7.78 19.38
N PRO B 52 34.19 -7.02 20.26
CA PRO B 52 33.64 -6.55 21.56
C PRO B 52 33.06 -5.11 21.51
N ASP B 53 32.11 -4.80 22.41
CA ASP B 53 31.37 -3.50 22.44
C ASP B 53 32.22 -2.24 22.62
N ARG B 54 33.08 -1.95 21.65
CA ARG B 54 34.19 -1.00 21.82
C ARG B 54 34.60 -0.39 20.45
N PRO B 55 34.45 0.93 20.27
CA PRO B 55 34.82 1.59 19.02
C PRO B 55 36.22 1.34 18.49
N GLN B 56 36.35 1.15 17.18
CA GLN B 56 37.66 1.18 16.53
C GLN B 56 37.62 1.93 15.23
N GLU B 57 38.78 2.36 14.73
CA GLU B 57 38.90 3.02 13.41
C GLU B 57 38.62 1.99 12.29
N VAL B 58 37.94 2.43 11.23
CA VAL B 58 37.61 1.57 10.07
C VAL B 58 37.71 2.42 8.81
N SER B 59 38.58 2.00 7.89
CA SER B 59 38.76 2.72 6.64
C SER B 59 38.19 1.89 5.50
N TYR B 60 37.32 2.52 4.72
CA TYR B 60 36.76 1.92 3.51
C TYR B 60 36.87 2.89 2.35
N THR B 61 36.76 2.35 1.14
CA THR B 61 36.88 3.15 -0.08
C THR B 61 36.15 2.53 -1.30
N ASP B 62 36.05 3.31 -2.39
CA ASP B 62 35.29 2.98 -3.60
C ASP B 62 33.84 2.85 -3.28
N THR B 63 33.29 3.86 -2.62
CA THR B 63 31.87 3.85 -2.35
C THR B 63 31.14 4.08 -3.66
N LYS B 64 30.00 3.42 -3.83
CA LYS B 64 29.07 3.76 -4.89
C LYS B 64 27.70 3.26 -4.53
N VAL B 65 26.69 4.06 -4.82
CA VAL B 65 25.32 3.75 -4.45
C VAL B 65 24.89 2.51 -5.19
N ILE B 66 24.12 1.68 -4.50
CA ILE B 66 23.45 0.52 -5.07
C ILE B 66 21.95 0.77 -5.19
N GLY B 67 21.34 1.59 -4.34
CA GLY B 67 19.89 1.87 -4.41
C GLY B 67 19.29 2.51 -3.17
N ASN B 68 18.09 3.10 -3.33
CA ASN B 68 17.38 3.78 -2.25
C ASN B 68 15.99 3.18 -2.07
N GLY B 69 15.39 3.42 -0.90
CA GLY B 69 14.14 2.77 -0.56
C GLY B 69 13.74 3.04 0.87
N SER B 70 12.74 2.29 1.36
CA SER B 70 12.31 2.38 2.79
C SER B 70 13.43 1.98 3.69
N PHE B 71 14.25 1.10 3.16
CA PHE B 71 15.45 0.65 3.78
C PHE B 71 16.54 1.70 4.02
N GLY B 72 16.39 2.90 3.45
CA GLY B 72 17.43 3.92 3.50
C GLY B 72 18.20 3.96 2.18
N VAL B 73 19.52 3.91 2.28
CA VAL B 73 20.41 3.84 1.13
C VAL B 73 21.47 2.77 1.39
N VAL B 74 21.81 1.99 0.37
CA VAL B 74 22.90 1.07 0.45
C VAL B 74 24.00 1.52 -0.52
N TYR B 75 25.25 1.41 -0.08
CA TYR B 75 26.41 1.59 -0.93
C TYR B 75 27.25 0.32 -0.94
N GLN B 76 28.08 0.21 -1.96
CA GLN B 76 29.11 -0.80 -2.01
C GLN B 76 30.39 -0.08 -1.68
N ALA B 77 31.25 -0.73 -0.90
CA ALA B 77 32.61 -0.25 -0.67
C ALA B 77 33.58 -1.40 -0.51
N LYS B 78 34.87 -1.08 -0.58
CA LYS B 78 35.89 -2.04 -0.23
C LYS B 78 36.59 -1.53 1.02
N LEU B 79 36.75 -2.43 1.99
CA LEU B 79 37.52 -2.14 3.19
C LEU B 79 38.97 -1.99 2.76
N CYS B 80 39.59 -0.90 3.15
CA CYS B 80 41.03 -0.71 2.90
C CYS B 80 41.90 -1.70 3.70
N ASP B 81 41.34 -2.27 4.76
CA ASP B 81 42.06 -3.14 5.68
C ASP B 81 42.31 -4.49 4.97
N SER B 82 41.28 -5.33 4.87
CA SER B 82 41.41 -6.68 4.30
C SER B 82 40.85 -6.78 2.86
N GLY B 83 40.86 -5.67 2.12
CA GLY B 83 40.46 -5.64 0.71
C GLY B 83 38.98 -5.81 0.32
N GLU B 84 38.10 -6.12 1.28
CA GLU B 84 36.84 -6.80 0.96
C GLU B 84 35.69 -5.89 0.49
N LEU B 85 34.83 -6.47 -0.33
CA LEU B 85 33.59 -5.82 -0.74
C LEU B 85 32.61 -5.89 0.41
N VAL B 86 31.81 -4.83 0.54
CA VAL B 86 30.97 -4.65 1.71
C VAL B 86 29.73 -3.80 1.36
N ALA B 87 28.61 -4.10 2.00
CA ALA B 87 27.38 -3.32 1.84
C ALA B 87 27.23 -2.34 3.01
N ILE B 88 27.17 -1.03 2.73
CA ILE B 88 26.89 -0.05 3.80
C ILE B 88 25.46 0.49 3.76
N LYS B 89 24.59 -0.10 4.57
CA LYS B 89 23.22 0.36 4.71
C LYS B 89 23.18 1.54 5.68
N LYS B 90 22.69 2.69 5.21
CA LYS B 90 22.60 3.93 5.99
C LYS B 90 21.14 4.41 6.07
N VAL B 91 20.54 4.27 7.25
CA VAL B 91 19.17 4.70 7.49
C VAL B 91 19.19 5.90 8.38
N LEU B 92 18.13 6.69 8.25
CA LEU B 92 17.91 7.84 9.06
C LEU B 92 16.89 7.34 10.07
N GLN B 93 17.16 7.55 11.35
CA GLN B 93 16.27 7.10 12.43
C GLN B 93 15.87 8.32 13.25
N ASP B 94 14.64 8.30 13.77
CA ASP B 94 14.16 9.33 14.68
C ASP B 94 14.25 8.80 16.10
N LYS B 95 15.14 9.40 16.88
CA LYS B 95 15.48 8.91 18.22
C LYS B 95 14.27 8.75 19.14
N ARG B 96 13.15 9.42 18.88
CA ARG B 96 11.93 9.20 19.69
C ARG B 96 11.25 7.82 19.52
N PHE B 97 11.75 6.99 18.60
CA PHE B 97 11.08 5.76 18.22
C PHE B 97 11.94 4.56 18.49
N LYS B 98 11.29 3.46 18.87
CA LYS B 98 11.94 2.17 19.06
C LYS B 98 12.52 1.64 17.74
N ASN B 99 13.80 1.89 17.48
CA ASN B 99 14.45 1.46 16.24
C ASN B 99 15.28 0.20 16.49
N ARG B 100 14.57 -0.91 16.45
CA ARG B 100 15.09 -2.16 16.97
C ARG B 100 15.93 -2.91 15.92
N GLU B 101 16.33 -2.22 14.83
CA GLU B 101 17.07 -2.93 13.79
C GLU B 101 18.44 -3.39 14.30
N LEU B 102 19.24 -2.50 14.88
CA LEU B 102 20.60 -2.86 15.30
C LEU B 102 20.67 -3.92 16.41
N GLN B 103 19.82 -3.86 17.44
CA GLN B 103 19.85 -4.94 18.45
C GLN B 103 19.60 -6.23 17.74
N ILE B 104 18.53 -6.30 16.95
CA ILE B 104 18.25 -7.55 16.25
C ILE B 104 19.45 -7.96 15.38
N MET B 105 19.94 -7.05 14.57
CA MET B 105 21.09 -7.35 13.76
C MET B 105 22.28 -7.86 14.55
N ARG B 106 22.39 -7.54 15.84
CA ARG B 106 23.53 -8.01 16.63
C ARG B 106 23.36 -9.44 17.15
N LYS B 107 22.17 -9.82 17.62
CA LYS B 107 21.98 -11.17 18.15
C LYS B 107 21.77 -12.27 17.11
N LEU B 108 22.08 -11.99 15.84
CA LEU B 108 21.95 -12.99 14.77
C LEU B 108 23.33 -13.44 14.32
N ASP B 109 23.52 -14.75 14.26
CA ASP B 109 24.63 -15.35 13.52
C ASP B 109 24.06 -16.61 12.88
N HIS B 110 24.19 -16.72 11.55
CA HIS B 110 23.56 -17.78 10.76
C HIS B 110 23.98 -17.62 9.33
N CYS B 111 24.10 -18.72 8.59
CA CYS B 111 24.76 -18.68 7.25
C CYS B 111 23.86 -18.06 6.18
N ASN B 112 22.60 -18.44 6.21
CA ASN B 112 21.55 -17.80 5.45
C ASN B 112 20.94 -16.50 6.04
N ILE B 113 21.73 -15.70 6.77
CA ILE B 113 21.39 -14.31 7.15
C ILE B 113 22.58 -13.40 6.95
N VAL B 114 22.36 -12.15 6.54
CA VAL B 114 23.51 -11.27 6.27
C VAL B 114 24.27 -11.11 7.57
N ARG B 115 25.61 -11.15 7.50
CA ARG B 115 26.40 -10.85 8.69
C ARG B 115 26.58 -9.36 8.80
N LEU B 116 26.35 -8.86 10.01
CA LEU B 116 26.65 -7.49 10.37
C LEU B 116 28.10 -7.43 10.78
N ARG B 117 28.92 -6.81 9.97
CA ARG B 117 30.34 -6.68 10.26
C ARG B 117 30.59 -5.56 11.33
N TYR B 118 30.35 -4.29 10.97
CA TYR B 118 30.49 -3.15 11.88
C TYR B 118 29.25 -2.29 11.86
N PHE B 119 29.12 -1.39 12.82
CA PHE B 119 28.12 -0.31 12.74
C PHE B 119 28.63 1.04 13.30
N PHE B 120 28.00 2.11 12.82
CA PHE B 120 28.30 3.43 13.31
C PHE B 120 27.12 4.40 13.16
N TYR B 121 27.35 5.65 13.53
CA TYR B 121 26.30 6.63 13.59
C TYR B 121 26.80 7.97 13.06
N SER B 122 26.37 8.40 11.86
CA SER B 122 26.64 9.77 11.38
C SER B 122 25.56 10.73 11.96
N SER B 123 25.81 12.03 11.92
CA SER B 123 24.86 13.01 12.48
C SER B 123 23.75 13.37 11.50
N GLY B 124 22.57 13.71 12.04
CA GLY B 124 21.39 14.07 11.23
C GLY B 124 21.18 15.57 11.20
N GLU B 125 20.34 16.05 10.28
CA GLU B 125 20.05 17.50 10.14
C GLU B 125 19.29 18.09 11.36
N LYS B 126 18.16 17.48 11.73
CA LYS B 126 17.38 17.93 12.89
C LYS B 126 17.88 17.26 14.16
N LYS B 127 17.59 17.87 15.31
CA LYS B 127 18.14 17.38 16.58
C LYS B 127 17.48 16.08 17.03
N ASP B 128 16.28 15.80 16.52
CA ASP B 128 15.60 14.56 16.86
C ASP B 128 16.01 13.31 16.11
N GLU B 129 17.01 13.37 15.22
CA GLU B 129 17.32 12.26 14.31
C GLU B 129 18.80 11.99 13.98
N VAL B 130 19.09 10.78 13.52
CA VAL B 130 20.46 10.32 13.33
C VAL B 130 20.61 9.16 12.35
N TYR B 131 21.79 9.06 11.75
CA TYR B 131 22.09 8.01 10.77
C TYR B 131 22.70 6.77 11.36
N LEU B 132 22.08 5.61 11.15
CA LEU B 132 22.66 4.33 11.58
C LEU B 132 23.31 3.70 10.38
N ASN B 133 24.60 3.39 10.46
CA ASN B 133 25.31 2.81 9.32
C ASN B 133 25.76 1.37 9.61
N LEU B 134 24.85 0.44 9.35
CA LEU B 134 25.19 -0.97 9.28
C LEU B 134 26.18 -1.24 8.14
N VAL B 135 27.17 -2.09 8.40
CA VAL B 135 28.18 -2.44 7.41
C VAL B 135 28.17 -3.95 7.37
N LEU B 136 27.68 -4.50 6.26
CA LEU B 136 27.35 -5.90 6.16
C LEU B 136 28.12 -6.54 5.01
N ASP B 137 28.10 -7.86 4.97
CA ASP B 137 28.55 -8.59 3.80
C ASP B 137 27.83 -8.06 2.56
N TYR B 138 28.59 -7.75 1.53
CA TYR B 138 28.06 -7.56 0.18
C TYR B 138 27.76 -8.93 -0.45
N VAL B 139 26.48 -9.19 -0.69
CA VAL B 139 26.08 -10.31 -1.51
C VAL B 139 25.86 -9.67 -2.87
N PRO B 140 26.21 -10.36 -3.99
CA PRO B 140 26.24 -9.64 -5.28
C PRO B 140 24.93 -9.55 -6.07
N GLU B 141 23.99 -10.47 -5.90
CA GLU B 141 22.72 -10.39 -6.64
C GLU B 141 21.56 -10.48 -5.65
N THR B 142 20.32 -10.39 -6.15
CA THR B 142 19.11 -10.65 -5.36
C THR B 142 18.10 -11.52 -6.11
N VAL B 143 17.25 -12.21 -5.35
CA VAL B 143 16.21 -13.07 -5.90
C VAL B 143 15.22 -12.28 -6.76
N TYR B 144 14.79 -11.11 -6.31
CA TYR B 144 13.91 -10.29 -7.17
C TYR B 144 14.55 -10.00 -8.52
N ARG B 145 15.84 -9.73 -8.53
CA ARG B 145 16.61 -9.53 -9.76
C ARG B 145 16.74 -10.78 -10.64
N VAL B 146 16.90 -11.96 -10.02
CA VAL B 146 17.10 -13.20 -10.76
C VAL B 146 15.78 -13.82 -11.26
N ALA B 147 14.69 -13.69 -10.52
CA ALA B 147 13.36 -14.05 -11.07
C ALA B 147 12.91 -13.10 -12.20
N ARG B 148 13.04 -11.78 -12.01
CA ARG B 148 12.75 -10.76 -13.06
C ARG B 148 13.71 -10.87 -14.24
N HIS B 149 14.87 -11.49 -14.08
CA HIS B 149 15.72 -11.88 -15.22
C HIS B 149 15.12 -13.12 -15.93
N TYR B 150 15.02 -14.24 -15.23
CA TYR B 150 14.48 -15.48 -15.83
C TYR B 150 13.06 -15.31 -16.39
N SER B 151 12.35 -14.25 -15.96
CA SER B 151 11.00 -13.95 -16.41
C SER B 151 10.93 -12.95 -17.58
N ARG B 152 11.99 -12.17 -17.80
CA ARG B 152 12.14 -11.43 -19.06
C ARG B 152 12.31 -12.43 -20.20
N ALA B 153 13.24 -13.38 -20.05
CA ALA B 153 13.39 -14.49 -21.02
C ALA B 153 12.19 -15.50 -21.09
N LYS B 154 11.00 -15.10 -20.59
CA LYS B 154 9.71 -15.78 -20.76
C LYS B 154 9.71 -17.25 -20.38
N GLN B 155 10.09 -17.51 -19.13
CA GLN B 155 10.29 -18.87 -18.68
C GLN B 155 10.42 -18.99 -17.15
N THR B 156 10.51 -20.24 -16.70
CA THR B 156 10.61 -20.59 -15.30
C THR B 156 12.09 -20.72 -14.89
N LEU B 157 12.30 -20.62 -13.58
CA LEU B 157 13.62 -20.82 -12.98
C LEU B 157 13.81 -22.33 -12.86
N PRO B 158 15.01 -22.84 -13.25
CA PRO B 158 15.43 -24.18 -12.88
C PRO B 158 14.90 -24.63 -11.52
N VAL B 159 14.09 -25.68 -11.54
CA VAL B 159 13.38 -26.12 -10.34
C VAL B 159 14.35 -26.44 -9.20
N ILE B 160 15.57 -26.85 -9.53
CA ILE B 160 16.63 -26.97 -8.51
C ILE B 160 16.75 -25.70 -7.64
N TYR B 161 16.83 -24.53 -8.30
CA TYR B 161 17.08 -23.27 -7.61
C TYR B 161 15.87 -22.79 -6.82
N VAL B 162 14.65 -23.07 -7.27
CA VAL B 162 13.48 -22.86 -6.41
C VAL B 162 13.65 -23.67 -5.12
N LYS B 163 14.04 -24.93 -5.27
CA LYS B 163 14.31 -25.84 -4.16
C LYS B 163 15.35 -25.19 -3.24
N LEU B 164 16.52 -24.94 -3.79
CA LEU B 164 17.67 -24.39 -3.04
C LEU B 164 17.41 -23.12 -2.27
N TYR B 165 16.71 -22.19 -2.92
CA TYR B 165 16.53 -20.85 -2.39
C TYR B 165 15.48 -20.84 -1.27
N MET B 166 14.24 -21.27 -1.54
CA MET B 166 13.25 -21.51 -0.47
C MET B 166 13.73 -22.33 0.75
N TYR B 167 14.62 -23.30 0.53
CA TYR B 167 15.16 -24.08 1.65
C TYR B 167 15.94 -23.14 2.54
N GLN B 168 17.01 -22.57 2.00
CA GLN B 168 17.86 -21.62 2.74
C GLN B 168 17.07 -20.45 3.35
N LEU B 169 15.97 -20.02 2.72
CA LEU B 169 15.12 -18.96 3.27
C LEU B 169 14.42 -19.55 4.48
N PHE B 170 13.56 -20.54 4.23
CA PHE B 170 12.83 -21.22 5.30
C PHE B 170 13.72 -21.62 6.47
N ARG B 171 14.99 -21.92 6.18
CA ARG B 171 15.98 -22.13 7.23
C ARG B 171 16.11 -20.90 8.14
N SER B 172 16.63 -19.79 7.61
CA SER B 172 16.78 -18.52 8.38
C SER B 172 15.51 -18.06 9.12
N LEU B 173 14.33 -18.29 8.57
CA LEU B 173 13.10 -17.97 9.30
C LEU B 173 13.01 -18.82 10.56
N ALA B 174 13.28 -20.11 10.39
CA ALA B 174 13.40 -21.04 11.52
C ALA B 174 14.36 -20.49 12.58
N TYR B 175 15.57 -20.12 12.15
CA TYR B 175 16.55 -19.52 13.05
C TYR B 175 16.00 -18.29 13.80
N ILE B 176 15.36 -17.36 13.08
CA ILE B 176 14.93 -16.10 13.70
C ILE B 176 13.62 -16.25 14.44
N HIS B 177 12.69 -17.08 13.96
CA HIS B 177 11.44 -17.29 14.73
C HIS B 177 11.75 -17.89 16.09
N SER B 178 12.82 -18.69 16.19
CA SER B 178 13.26 -19.32 17.42
C SER B 178 13.65 -18.33 18.54
N PHE B 179 14.21 -17.16 18.19
CA PHE B 179 14.44 -16.09 19.20
C PHE B 179 13.19 -15.19 19.40
N GLY B 180 12.02 -15.59 18.91
CA GLY B 180 10.79 -14.73 18.95
C GLY B 180 10.57 -13.75 17.79
N ILE B 181 11.59 -13.56 16.97
CA ILE B 181 11.66 -12.49 16.00
C ILE B 181 10.83 -12.80 14.75
N CYS B 182 10.14 -11.79 14.23
CA CYS B 182 9.38 -11.86 13.00
C CYS B 182 9.95 -10.81 12.07
N HIS B 183 10.28 -11.18 10.83
CA HIS B 183 10.92 -10.25 9.85
C HIS B 183 10.00 -9.14 9.39
N ARG B 184 8.76 -9.53 9.17
CA ARG B 184 7.67 -8.64 8.86
C ARG B 184 7.78 -7.90 7.51
N ASP B 185 8.61 -8.41 6.60
CA ASP B 185 8.85 -7.78 5.32
C ASP B 185 9.61 -8.75 4.45
N ILE B 186 8.95 -9.89 4.22
CA ILE B 186 9.52 -10.96 3.44
C ILE B 186 9.09 -10.72 2.01
N LYS B 187 10.09 -10.51 1.15
CA LYS B 187 9.85 -10.33 -0.27
C LYS B 187 11.13 -10.58 -1.02
N PRO B 188 11.02 -10.90 -2.32
CA PRO B 188 12.22 -11.23 -3.07
C PRO B 188 13.28 -10.12 -3.06
N GLN B 189 12.88 -8.87 -2.88
CA GLN B 189 13.84 -7.74 -2.88
C GLN B 189 14.83 -7.83 -1.70
N ASN B 190 14.37 -8.48 -0.62
CA ASN B 190 15.10 -8.67 0.63
C ASN B 190 15.87 -9.97 0.77
N LEU B 191 15.93 -10.77 -0.31
CA LEU B 191 16.66 -12.04 -0.32
C LEU B 191 17.82 -11.87 -1.24
N LEU B 192 18.97 -11.59 -0.66
CA LEU B 192 20.21 -11.54 -1.41
C LEU B 192 20.60 -12.97 -1.74
N LEU B 193 21.38 -13.16 -2.79
CA LEU B 193 21.97 -14.47 -3.07
C LEU B 193 23.20 -14.35 -3.94
N ASP B 194 24.09 -15.31 -3.77
CA ASP B 194 25.23 -15.46 -4.65
C ASP B 194 24.80 -16.46 -5.73
N PRO B 195 24.92 -16.09 -7.02
CA PRO B 195 24.52 -17.00 -8.10
C PRO B 195 25.43 -18.23 -8.27
N ASP B 196 26.75 -18.04 -8.11
CA ASP B 196 27.76 -19.13 -8.23
C ASP B 196 27.55 -20.22 -7.19
N THR B 197 27.66 -19.83 -5.92
CA THR B 197 27.55 -20.78 -4.81
C THR B 197 26.11 -21.06 -4.38
N ALA B 198 25.16 -20.26 -4.88
CA ALA B 198 23.73 -20.40 -4.58
C ALA B 198 23.35 -20.08 -3.11
N VAL B 199 24.24 -19.38 -2.40
CA VAL B 199 24.01 -19.07 -1.00
C VAL B 199 23.08 -17.87 -0.90
N LEU B 200 21.90 -18.08 -0.33
CA LEU B 200 20.90 -17.02 -0.14
C LEU B 200 21.02 -16.51 1.26
N LYS B 201 20.77 -15.20 1.47
CA LYS B 201 20.87 -14.56 2.80
C LYS B 201 19.75 -13.52 3.05
N LEU B 202 18.94 -13.71 4.10
CA LEU B 202 17.88 -12.74 4.49
C LEU B 202 18.43 -11.37 4.86
N CYS B 203 17.76 -10.26 4.50
CA CYS B 203 18.21 -8.90 4.90
C CYS B 203 17.09 -7.89 5.24
N ASP B 204 17.46 -6.63 5.49
CA ASP B 204 16.53 -5.57 5.94
C ASP B 204 15.71 -5.97 7.17
N PHE B 205 16.23 -5.68 8.36
CA PHE B 205 15.50 -6.00 9.59
C PHE B 205 14.86 -4.76 10.20
N GLY B 206 14.44 -3.85 9.33
CA GLY B 206 13.96 -2.55 9.71
C GLY B 206 12.58 -2.70 10.29
N SER B 207 11.80 -3.64 9.74
CA SER B 207 10.43 -3.89 10.22
C SER B 207 10.45 -5.04 11.26
N ALA B 208 11.58 -5.76 11.33
CA ALA B 208 11.71 -6.92 12.19
C ALA B 208 11.52 -6.55 13.62
N LYS B 209 10.82 -7.44 14.31
CA LYS B 209 10.44 -7.24 15.71
C LYS B 209 9.99 -8.56 16.36
N GLN B 210 10.38 -8.72 17.62
CA GLN B 210 10.00 -9.86 18.43
C GLN B 210 8.53 -9.79 18.83
N LEU B 211 7.75 -10.73 18.34
CA LEU B 211 6.37 -10.86 18.77
C LEU B 211 6.38 -11.61 20.11
N VAL B 212 5.34 -11.38 20.90
CA VAL B 212 5.29 -11.81 22.30
C VAL B 212 3.84 -12.07 22.65
N ARG B 213 3.51 -13.32 22.99
CA ARG B 213 2.09 -13.68 23.15
C ARG B 213 1.35 -12.65 23.99
N GLY B 214 0.13 -12.35 23.59
CA GLY B 214 -0.73 -11.45 24.32
C GLY B 214 -0.64 -10.00 23.92
N GLU B 215 0.56 -9.54 23.51
CA GLU B 215 0.69 -8.16 23.07
C GLU B 215 -0.06 -7.86 21.76
N PRO B 216 -0.49 -6.59 21.59
CA PRO B 216 -1.06 -6.16 20.33
C PRO B 216 0.06 -5.66 19.42
N ASN B 217 -0.14 -5.77 18.11
CA ASN B 217 0.80 -5.26 17.12
C ASN B 217 0.20 -4.73 15.87
N VAL B 218 0.95 -3.86 15.23
CA VAL B 218 0.42 -3.08 14.14
C VAL B 218 0.15 -3.99 12.91
N SER B 219 -1.12 -4.07 12.52
CA SER B 219 -1.55 -4.90 11.40
C SER B 219 -0.94 -4.45 10.08
N PTR B 220 -0.90 -3.14 9.85
CA PTR B 220 -0.41 -2.66 8.55
C PTR B 220 1.12 -2.76 8.47
O PTR B 220 1.83 -1.86 8.95
CB PTR B 220 -0.93 -1.24 8.26
CG PTR B 220 -0.69 -0.76 6.83
CD1 PTR B 220 -0.83 -1.61 5.73
CD2 PTR B 220 -0.35 0.56 6.59
CE1 PTR B 220 -0.59 -1.16 4.44
CE2 PTR B 220 -0.13 1.02 5.30
CZ PTR B 220 -0.25 0.15 4.24
OH PTR B 220 -0.02 0.64 2.98
N ILE B 221 1.61 -3.87 7.86
CA ILE B 221 3.02 -4.24 8.03
C ILE B 221 3.83 -4.73 6.81
N CYS B 222 3.51 -5.84 6.15
CA CYS B 222 4.47 -6.38 5.15
C CYS B 222 4.36 -5.59 3.85
N SER B 223 5.27 -5.82 2.90
CA SER B 223 5.04 -5.42 1.49
C SER B 223 3.74 -6.03 0.97
N ARG B 224 3.08 -5.38 0.01
CA ARG B 224 1.64 -5.66 -0.24
C ARG B 224 1.33 -7.01 -0.92
N TYR B 225 2.07 -7.37 -1.96
CA TYR B 225 1.87 -8.66 -2.62
C TYR B 225 2.00 -9.85 -1.64
N TYR B 226 2.81 -9.66 -0.61
CA TYR B 226 3.19 -10.69 0.34
C TYR B 226 2.60 -10.48 1.75
N ARG B 227 1.58 -9.62 1.88
CA ARG B 227 0.96 -9.40 3.18
C ARG B 227 0.04 -10.57 3.48
N ALA B 228 0.27 -11.21 4.63
CA ALA B 228 -0.60 -12.31 5.06
C ALA B 228 -2.01 -11.78 5.32
N PRO B 229 -3.05 -12.57 4.95
CA PRO B 229 -4.46 -12.15 4.97
C PRO B 229 -4.95 -11.59 6.30
N GLU B 230 -4.65 -12.27 7.38
CA GLU B 230 -5.06 -11.74 8.70
C GLU B 230 -4.63 -10.27 8.91
N LEU B 231 -3.47 -9.88 8.35
CA LEU B 231 -2.96 -8.52 8.44
C LEU B 231 -3.82 -7.56 7.64
N ILE B 232 -4.15 -7.97 6.42
CA ILE B 232 -5.11 -7.23 5.61
C ILE B 232 -6.39 -7.01 6.42
N PHE B 233 -6.86 -8.04 7.12
CA PHE B 233 -8.01 -7.91 7.99
C PHE B 233 -7.84 -7.09 9.26
N GLY B 234 -6.63 -6.72 9.65
CA GLY B 234 -6.46 -5.84 10.81
C GLY B 234 -6.09 -6.52 12.12
N ALA B 235 -5.87 -7.84 12.05
CA ALA B 235 -5.44 -8.61 13.21
C ALA B 235 -4.26 -7.96 13.93
N THR B 236 -4.47 -7.61 15.20
CA THR B 236 -3.42 -7.07 16.05
C THR B 236 -2.66 -8.19 16.79
N ASP B 237 -3.20 -9.40 16.78
CA ASP B 237 -2.63 -10.55 17.49
C ASP B 237 -1.96 -11.60 16.58
N TYR B 238 -1.55 -11.21 15.37
CA TYR B 238 -0.81 -12.09 14.44
C TYR B 238 0.50 -12.69 15.02
N THR B 239 0.87 -13.86 14.51
CA THR B 239 2.04 -14.59 14.99
C THR B 239 3.16 -14.44 13.95
N SER B 240 4.27 -15.12 14.17
CA SER B 240 5.29 -15.27 13.12
C SER B 240 4.87 -16.09 11.90
N SER B 241 3.64 -16.62 11.92
CA SER B 241 2.98 -17.30 10.76
C SER B 241 2.86 -16.45 9.48
N ILE B 242 2.89 -15.13 9.67
CA ILE B 242 2.84 -14.19 8.59
C ILE B 242 4.05 -14.39 7.72
N ASP B 243 5.22 -14.61 8.31
CA ASP B 243 6.43 -14.70 7.48
C ASP B 243 6.39 -15.96 6.63
N VAL B 244 5.69 -16.99 7.12
CA VAL B 244 5.53 -18.22 6.36
C VAL B 244 4.64 -17.97 5.14
N TRP B 245 3.50 -17.31 5.38
CA TRP B 245 2.63 -16.86 4.27
C TRP B 245 3.41 -16.12 3.19
N SER B 246 4.22 -15.16 3.64
CA SER B 246 5.06 -14.38 2.77
C SER B 246 6.05 -15.26 2.01
N ALA B 247 6.67 -16.21 2.70
CA ALA B 247 7.56 -17.12 2.01
C ALA B 247 6.77 -17.98 1.01
N GLY B 248 5.52 -18.28 1.36
CA GLY B 248 4.61 -19.02 0.48
C GLY B 248 4.36 -18.31 -0.84
N CYS B 249 4.19 -17.00 -0.73
CA CYS B 249 4.01 -16.13 -1.90
C CYS B 249 5.22 -16.11 -2.84
N VAL B 250 6.40 -16.20 -2.24
CA VAL B 250 7.65 -16.19 -3.00
C VAL B 250 7.79 -17.53 -3.69
N LEU B 251 7.39 -18.63 -3.02
CA LEU B 251 7.49 -19.98 -3.60
C LEU B 251 6.70 -19.96 -4.88
N ALA B 252 5.43 -19.56 -4.76
CA ALA B 252 4.54 -19.41 -5.92
C ALA B 252 5.21 -18.71 -7.10
N GLU B 253 5.64 -17.49 -6.84
CA GLU B 253 6.20 -16.58 -7.83
C GLU B 253 7.46 -17.08 -8.55
N LEU B 254 8.15 -18.06 -8.01
CA LEU B 254 9.28 -18.66 -8.72
C LEU B 254 8.81 -19.74 -9.71
N LEU B 255 7.71 -20.40 -9.35
CA LEU B 255 7.07 -21.42 -10.15
C LEU B 255 6.00 -20.88 -11.12
N LEU B 256 5.47 -19.70 -10.79
CA LEU B 256 4.48 -19.04 -11.63
C LEU B 256 5.17 -18.12 -12.64
N GLY B 257 6.43 -17.75 -12.38
CA GLY B 257 7.16 -16.84 -13.25
C GLY B 257 6.88 -15.37 -12.98
N GLN B 258 5.78 -15.06 -12.26
CA GLN B 258 5.48 -13.70 -11.77
C GLN B 258 4.55 -13.73 -10.53
N PRO B 259 4.38 -12.59 -9.79
CA PRO B 259 3.64 -12.63 -8.52
C PRO B 259 2.28 -13.35 -8.55
N ILE B 260 1.95 -14.08 -7.48
CA ILE B 260 0.69 -14.83 -7.42
C ILE B 260 -0.52 -13.99 -6.98
N PHE B 261 -0.29 -12.95 -6.20
CA PHE B 261 -1.40 -12.12 -5.72
C PHE B 261 -1.09 -10.65 -5.99
N PRO B 262 -1.21 -10.20 -7.27
CA PRO B 262 -0.85 -8.82 -7.53
C PRO B 262 -2.05 -7.90 -7.47
N GLY B 263 -2.23 -7.20 -6.36
CA GLY B 263 -3.28 -6.21 -6.24
C GLY B 263 -2.81 -5.00 -7.01
N ASP B 264 -3.65 -4.50 -7.91
CA ASP B 264 -3.46 -3.19 -8.55
C ASP B 264 -3.84 -2.04 -7.59
N SER B 265 -4.45 -2.39 -6.45
CA SER B 265 -4.75 -1.45 -5.38
C SER B 265 -4.83 -2.25 -4.09
N GLY B 266 -5.16 -1.58 -2.97
CA GLY B 266 -5.30 -2.25 -1.67
C GLY B 266 -6.48 -3.20 -1.57
N VAL B 267 -7.62 -2.74 -2.08
CA VAL B 267 -8.85 -3.54 -2.02
C VAL B 267 -8.71 -4.79 -2.89
N ASP B 268 -8.02 -4.67 -4.03
CA ASP B 268 -7.83 -5.77 -5.00
C ASP B 268 -6.92 -6.88 -4.49
N GLN B 269 -6.32 -6.73 -3.30
CA GLN B 269 -5.50 -7.78 -2.73
C GLN B 269 -6.35 -8.93 -2.27
N LEU B 270 -7.21 -8.62 -1.30
CA LEU B 270 -8.15 -9.59 -0.76
C LEU B 270 -9.01 -10.23 -1.86
N VAL B 271 -9.42 -9.45 -2.85
CA VAL B 271 -9.95 -9.99 -4.10
C VAL B 271 -8.97 -11.01 -4.71
N GLU B 272 -7.80 -10.59 -5.20
CA GLU B 272 -6.93 -11.47 -6.03
C GLU B 272 -6.52 -12.77 -5.29
N ILE B 273 -6.55 -12.73 -3.94
CA ILE B 273 -6.47 -13.92 -3.04
C ILE B 273 -7.70 -14.83 -3.07
N ILE B 274 -8.87 -14.34 -2.62
CA ILE B 274 -10.16 -15.08 -2.69
C ILE B 274 -10.37 -15.73 -4.08
N LYS B 275 -9.93 -15.03 -5.12
CA LYS B 275 -9.87 -15.61 -6.47
C LYS B 275 -9.08 -16.91 -6.57
N VAL B 276 -8.11 -17.15 -5.68
CA VAL B 276 -7.38 -18.43 -5.62
C VAL B 276 -7.80 -19.34 -4.44
N LEU B 277 -7.86 -18.81 -3.23
CA LEU B 277 -8.23 -19.64 -2.09
C LEU B 277 -9.72 -19.82 -1.93
N GLY B 278 -10.54 -19.17 -2.75
CA GLY B 278 -11.98 -19.17 -2.51
C GLY B 278 -12.36 -18.50 -1.19
N THR B 279 -13.66 -18.33 -0.97
CA THR B 279 -14.18 -17.67 0.23
C THR B 279 -13.65 -18.35 1.50
N PRO B 280 -13.30 -17.57 2.53
CA PRO B 280 -12.97 -18.23 3.81
C PRO B 280 -14.23 -18.67 4.58
N THR B 281 -14.11 -19.76 5.35
CA THR B 281 -15.22 -20.27 6.15
C THR B 281 -15.30 -19.48 7.45
N ARG B 282 -16.48 -19.45 8.05
CA ARG B 282 -16.71 -18.76 9.32
C ARG B 282 -15.62 -19.07 10.35
N GLU B 283 -15.12 -20.31 10.31
CA GLU B 283 -14.02 -20.73 11.15
C GLU B 283 -12.74 -20.05 10.70
N GLN B 284 -12.46 -20.05 9.39
CA GLN B 284 -11.25 -19.36 8.87
C GLN B 284 -11.24 -17.83 9.13
N ILE B 285 -12.38 -17.19 8.88
CA ILE B 285 -12.61 -15.76 9.17
C ILE B 285 -12.36 -15.48 10.65
N ARG B 286 -13.00 -16.27 11.52
CA ARG B 286 -12.87 -16.13 12.97
C ARG B 286 -11.43 -16.32 13.45
N GLU B 287 -10.70 -17.22 12.77
CA GLU B 287 -9.27 -17.44 13.02
C GLU B 287 -8.41 -16.22 12.73
N MET B 288 -8.77 -15.48 11.66
CA MET B 288 -8.03 -14.29 11.21
C MET B 288 -8.44 -13.04 11.98
N ASN B 289 -9.74 -12.76 12.01
CA ASN B 289 -10.27 -11.62 12.72
C ASN B 289 -11.76 -11.78 13.09
N PRO B 290 -12.09 -11.95 14.39
CA PRO B 290 -13.47 -11.89 14.92
C PRO B 290 -14.48 -10.95 14.24
N ASN B 291 -14.05 -9.76 13.79
CA ASN B 291 -14.98 -8.70 13.34
C ASN B 291 -15.63 -8.89 11.95
N TYR B 292 -14.95 -9.61 11.07
CA TYR B 292 -15.49 -9.90 9.74
C TYR B 292 -16.42 -11.13 9.77
N THR B 293 -16.68 -11.65 10.98
CA THR B 293 -17.69 -12.68 11.21
C THR B 293 -18.95 -12.41 10.40
N GLU B 294 -19.46 -11.18 10.54
CA GLU B 294 -20.71 -10.79 9.90
C GLU B 294 -20.57 -10.20 8.48
N PHE B 295 -19.36 -10.22 7.91
CA PHE B 295 -19.09 -9.51 6.66
C PHE B 295 -19.57 -10.33 5.50
N LYS B 296 -20.30 -9.68 4.59
CA LYS B 296 -20.93 -10.36 3.46
C LYS B 296 -19.92 -10.57 2.34
N PHE B 297 -19.16 -11.65 2.40
CA PHE B 297 -18.20 -11.97 1.33
C PHE B 297 -18.88 -12.47 0.07
N PRO B 298 -18.20 -12.39 -1.08
CA PRO B 298 -18.75 -13.10 -2.23
C PRO B 298 -18.50 -14.58 -2.02
N GLN B 299 -19.46 -15.40 -2.43
CA GLN B 299 -19.25 -16.84 -2.38
C GLN B 299 -18.47 -17.26 -3.62
N ILE B 300 -17.18 -17.50 -3.42
CA ILE B 300 -16.29 -17.99 -4.48
C ILE B 300 -15.66 -19.30 -4.05
N LYS B 301 -15.67 -20.24 -4.98
CA LYS B 301 -15.14 -21.58 -4.76
C LYS B 301 -13.66 -21.54 -5.17
N ALA B 302 -12.80 -22.18 -4.37
CA ALA B 302 -11.33 -22.22 -4.58
C ALA B 302 -10.91 -22.59 -6.01
N HIS B 303 -9.72 -22.17 -6.43
CA HIS B 303 -9.18 -22.53 -7.76
C HIS B 303 -8.15 -23.65 -7.57
N PRO B 304 -8.45 -24.88 -8.08
CA PRO B 304 -7.59 -26.01 -7.75
C PRO B 304 -6.10 -25.75 -7.98
N TRP B 305 -5.31 -26.16 -7.00
CA TRP B 305 -3.91 -25.81 -6.91
C TRP B 305 -3.08 -26.26 -8.12
N THR B 306 -3.29 -27.48 -8.59
CA THR B 306 -2.61 -27.96 -9.80
C THR B 306 -3.05 -27.13 -11.00
N LYS B 307 -4.32 -26.71 -10.99
CA LYS B 307 -4.87 -25.82 -12.00
C LYS B 307 -4.33 -24.36 -11.92
N VAL B 308 -3.64 -23.98 -10.83
CA VAL B 308 -3.03 -22.63 -10.64
C VAL B 308 -1.64 -22.50 -11.30
N PHE B 309 -0.83 -23.52 -11.15
CA PHE B 309 0.51 -23.49 -11.72
C PHE B 309 0.53 -24.16 -13.08
N ARG B 310 1.69 -24.09 -13.74
CA ARG B 310 1.90 -24.69 -15.06
C ARG B 310 1.65 -26.19 -15.02
N PRO B 311 1.21 -26.80 -16.15
CA PRO B 311 0.88 -28.24 -16.11
C PRO B 311 2.08 -29.13 -15.71
N ARG B 312 3.30 -28.73 -16.09
CA ARG B 312 4.54 -29.45 -15.74
C ARG B 312 5.25 -28.98 -14.45
N THR B 313 4.54 -28.27 -13.60
CA THR B 313 5.05 -27.85 -12.29
C THR B 313 5.05 -29.07 -11.34
N PRO B 314 6.22 -29.43 -10.73
CA PRO B 314 6.30 -30.59 -9.81
C PRO B 314 5.24 -30.58 -8.72
N PRO B 315 4.54 -31.72 -8.49
CA PRO B 315 3.40 -31.70 -7.56
C PRO B 315 3.78 -31.66 -6.08
N GLU B 316 5.08 -31.83 -5.78
CA GLU B 316 5.62 -31.71 -4.41
C GLU B 316 5.60 -30.22 -3.99
N ALA B 317 6.13 -29.40 -4.89
CA ALA B 317 6.04 -27.94 -4.81
C ALA B 317 4.61 -27.44 -4.62
N ILE B 318 3.67 -27.99 -5.38
CA ILE B 318 2.26 -27.61 -5.29
C ILE B 318 1.66 -27.98 -3.93
N ALA B 319 1.90 -29.21 -3.47
CA ALA B 319 1.53 -29.63 -2.13
C ALA B 319 2.07 -28.63 -1.12
N LEU B 320 3.30 -28.18 -1.33
CA LEU B 320 3.94 -27.24 -0.40
C LEU B 320 3.18 -25.90 -0.20
N CYS B 321 2.98 -25.14 -1.29
CA CYS B 321 2.15 -23.91 -1.27
C CYS B 321 0.79 -24.10 -0.65
N SER B 322 0.14 -25.22 -0.98
CA SER B 322 -1.15 -25.60 -0.38
C SER B 322 -1.14 -25.53 1.15
N ARG B 323 0.01 -25.89 1.71
CA ARG B 323 0.22 -25.90 3.14
C ARG B 323 0.79 -24.58 3.69
N LEU B 324 1.53 -23.84 2.87
CA LEU B 324 2.01 -22.49 3.26
C LEU B 324 0.94 -21.37 3.15
N LEU B 325 0.17 -21.38 2.07
CA LEU B 325 -0.78 -20.30 1.80
C LEU B 325 -2.18 -20.67 2.27
N GLU B 326 -2.31 -20.90 3.58
CA GLU B 326 -3.59 -21.24 4.16
C GLU B 326 -4.06 -19.98 4.87
N TYR B 327 -5.36 -19.67 4.80
CA TYR B 327 -5.93 -18.54 5.55
C TYR B 327 -5.53 -18.59 7.00
N THR B 328 -5.72 -19.75 7.62
CA THR B 328 -5.57 -19.88 9.06
C THR B 328 -4.09 -19.82 9.44
N PRO B 329 -3.72 -18.88 10.34
CA PRO B 329 -2.32 -18.78 10.74
C PRO B 329 -1.73 -20.13 11.07
N THR B 330 -2.40 -20.83 12.00
CA THR B 330 -1.89 -22.06 12.60
C THR B 330 -1.78 -23.21 11.59
N ALA B 331 -2.80 -23.42 10.77
CA ALA B 331 -2.75 -24.42 9.66
C ALA B 331 -1.57 -24.28 8.70
N ARG B 332 -0.89 -23.14 8.71
CA ARG B 332 0.32 -22.97 7.95
C ARG B 332 1.41 -23.72 8.66
N LEU B 333 2.24 -24.44 7.90
CA LEU B 333 3.47 -25.05 8.44
C LEU B 333 4.34 -24.06 9.19
N THR B 334 5.28 -24.59 9.96
CA THR B 334 6.38 -23.76 10.47
C THR B 334 7.48 -23.82 9.42
N PRO B 335 8.53 -22.99 9.58
CA PRO B 335 9.64 -23.02 8.62
C PRO B 335 10.48 -24.28 8.71
N LEU B 336 10.55 -24.82 9.91
CA LEU B 336 11.26 -26.07 10.15
C LEU B 336 10.47 -27.23 9.47
N GLU B 337 9.19 -27.31 9.79
CA GLU B 337 8.26 -28.23 9.12
C GLU B 337 8.37 -28.14 7.59
N ALA B 338 8.52 -26.92 7.07
CA ALA B 338 8.66 -26.70 5.62
C ALA B 338 9.99 -27.21 5.04
N CYS B 339 11.09 -26.98 5.75
CA CYS B 339 12.39 -27.53 5.33
C CYS B 339 12.32 -29.05 5.13
N ALA B 340 11.62 -29.73 6.04
CA ALA B 340 11.48 -31.19 6.06
C ALA B 340 10.32 -31.70 5.18
N HIS B 341 10.36 -31.42 3.89
CA HIS B 341 9.22 -31.68 3.03
C HIS B 341 9.69 -32.29 1.70
N SER B 342 8.83 -33.14 1.14
CA SER B 342 9.09 -33.92 -0.10
C SER B 342 9.80 -33.11 -1.17
N PHE B 343 9.22 -31.94 -1.46
CA PHE B 343 9.78 -30.95 -2.38
C PHE B 343 11.29 -30.68 -2.22
N PHE B 344 11.79 -30.64 -0.97
CA PHE B 344 13.21 -30.42 -0.70
C PHE B 344 14.05 -31.69 -0.65
N ASP B 345 13.42 -32.87 -0.67
CA ASP B 345 14.14 -34.14 -0.54
C ASP B 345 15.29 -34.32 -1.52
N GLU B 346 15.09 -33.89 -2.77
CA GLU B 346 16.16 -33.83 -3.78
C GLU B 346 17.49 -33.23 -3.29
N LEU B 347 17.42 -32.28 -2.36
CA LEU B 347 18.64 -31.66 -1.81
C LEU B 347 19.45 -32.62 -0.90
N ARG B 348 18.77 -33.61 -0.34
CA ARG B 348 19.34 -34.51 0.65
C ARG B 348 20.07 -35.69 -0.01
N ASP B 349 19.57 -36.11 -1.17
CA ASP B 349 20.29 -37.01 -2.11
C ASP B 349 21.79 -36.65 -2.11
N PRO B 350 22.65 -37.61 -1.70
CA PRO B 350 24.10 -37.42 -1.75
C PRO B 350 24.66 -37.05 -3.12
N ASN B 351 24.06 -37.59 -4.17
CA ASN B 351 24.51 -37.34 -5.54
C ASN B 351 24.09 -36.01 -6.14
N VAL B 352 23.30 -35.21 -5.39
CA VAL B 352 22.91 -33.87 -5.84
C VAL B 352 24.14 -32.99 -6.08
N LYS B 353 24.12 -32.24 -7.17
CA LYS B 353 25.14 -31.23 -7.44
C LYS B 353 24.53 -30.07 -8.20
N LEU B 354 25.23 -28.94 -8.13
CA LEU B 354 24.74 -27.70 -8.69
C LEU B 354 24.92 -27.84 -10.21
N PRO B 355 23.88 -27.49 -11.00
CA PRO B 355 23.97 -27.69 -12.46
C PRO B 355 25.13 -26.96 -13.15
N ASN B 356 25.80 -26.04 -12.45
CA ASN B 356 27.15 -25.58 -12.83
C ASN B 356 28.28 -26.48 -12.29
N GLY B 357 27.99 -27.78 -12.10
CA GLY B 357 29.00 -28.77 -11.71
C GLY B 357 29.69 -28.59 -10.37
N ARG B 358 29.26 -27.61 -9.58
CA ARG B 358 29.92 -27.28 -8.31
C ARG B 358 29.26 -28.12 -7.22
N ASP B 359 29.88 -28.16 -6.04
CA ASP B 359 29.23 -28.71 -4.84
C ASP B 359 28.11 -27.74 -4.42
N THR B 360 27.19 -28.19 -3.59
CA THR B 360 26.11 -27.29 -3.10
C THR B 360 26.63 -26.38 -1.96
N PRO B 361 25.83 -25.38 -1.51
CA PRO B 361 26.19 -24.68 -0.28
C PRO B 361 25.76 -25.47 0.96
N ALA B 362 26.22 -25.06 2.14
CA ALA B 362 26.14 -25.88 3.36
C ALA B 362 24.73 -25.97 3.92
N LEU B 363 23.95 -26.92 3.42
CA LEU B 363 22.52 -27.05 3.75
C LEU B 363 22.17 -27.73 5.06
N PHE B 364 23.09 -28.49 5.64
CA PHE B 364 22.71 -29.40 6.74
C PHE B 364 23.23 -29.04 8.11
N ASN B 365 24.18 -28.12 8.22
CA ASN B 365 24.81 -27.80 9.51
C ASN B 365 23.91 -27.07 10.53
N PHE B 366 22.86 -27.75 10.98
CA PHE B 366 21.86 -27.18 11.91
C PHE B 366 22.43 -27.02 13.31
N THR B 367 22.05 -25.94 13.99
CA THR B 367 22.26 -25.79 15.43
C THR B 367 21.10 -26.40 16.25
N THR B 368 21.31 -26.40 17.56
CA THR B 368 20.34 -26.87 18.54
C THR B 368 19.17 -25.89 18.54
N GLN B 369 19.54 -24.60 18.59
CA GLN B 369 18.64 -23.44 18.41
C GLN B 369 17.73 -23.54 17.16
N GLU B 370 18.31 -23.56 15.96
CA GLU B 370 17.55 -23.77 14.71
C GLU B 370 16.46 -24.84 14.83
N LEU B 371 16.77 -25.88 15.63
CA LEU B 371 15.91 -27.06 15.83
C LEU B 371 14.90 -27.02 17.01
N SER B 372 15.12 -26.10 17.95
CA SER B 372 14.19 -25.92 19.10
C SER B 372 12.71 -25.99 18.74
N SER B 373 12.35 -25.38 17.63
CA SER B 373 10.98 -25.47 17.09
C SER B 373 10.40 -26.92 17.24
N ASN B 374 11.20 -27.94 16.90
CA ASN B 374 10.75 -29.35 16.93
C ASN B 374 11.94 -30.26 16.62
N PRO B 375 12.71 -30.68 17.65
CA PRO B 375 13.99 -31.38 17.36
C PRO B 375 13.93 -32.80 16.71
N PRO B 376 12.83 -33.58 16.90
CA PRO B 376 12.61 -34.80 16.11
C PRO B 376 12.98 -34.71 14.64
N LEU B 377 12.55 -33.63 13.99
CA LEU B 377 12.74 -33.47 12.53
C LEU B 377 14.18 -33.54 12.08
N ALA B 378 15.13 -33.30 12.99
CA ALA B 378 16.56 -33.50 12.70
C ALA B 378 16.85 -34.87 12.02
N THR B 379 16.02 -35.87 12.35
CA THR B 379 15.94 -37.17 11.65
C THR B 379 15.81 -37.09 10.13
N ILE B 380 14.99 -36.14 9.67
CA ILE B 380 14.78 -35.89 8.23
C ILE B 380 15.73 -34.82 7.69
N LEU B 381 15.89 -33.73 8.43
CA LEU B 381 16.56 -32.54 7.90
C LEU B 381 18.02 -32.80 7.66
N ILE B 382 18.67 -33.38 8.67
CA ILE B 382 20.01 -33.92 8.46
C ILE B 382 19.81 -35.36 8.03
N PRO B 383 20.30 -35.72 6.82
CA PRO B 383 20.20 -37.09 6.36
C PRO B 383 21.35 -37.92 6.93
N PRO B 384 21.30 -39.25 6.72
CA PRO B 384 22.47 -40.09 6.82
C PRO B 384 23.73 -39.48 6.16
N HIS B 385 23.60 -39.05 4.90
CA HIS B 385 24.65 -38.39 4.08
C HIS B 385 25.70 -37.46 4.81
N ALA B 386 25.32 -36.77 5.90
CA ALA B 386 26.25 -35.85 6.62
C ALA B 386 26.78 -36.48 7.92
N ARG B 387 26.45 -35.91 9.09
CA ARG B 387 26.63 -36.56 10.39
C ARG B 387 28.10 -36.80 10.81
C2 65C C . -3.54 7.52 -14.12
C3 65C C . -4.15 9.17 -15.37
C4 65C C . -4.73 10.37 -15.99
C5 65C C . -6.06 10.66 -15.81
C6 65C C . -5.79 12.64 -17.03
N7 65C C . -4.48 12.38 -17.18
C9 65C C . -10.42 12.43 -18.03
C10 65C C . -12.57 11.96 -17.18
C11 65C C . -12.16 10.81 -16.54
C12 65C C . -10.80 10.47 -16.65
C13 65C C . -9.93 11.29 -17.39
C14 65C C . -13.04 10.11 -15.90
C21 65C C . -7.74 10.25 -14.00
CL1 65C C . -10.22 7.15 -13.16
C19 65C C . -8.98 8.21 -13.88
C18 65C C . -8.29 7.75 -14.98
C17 65C C . -7.35 8.53 -15.61
CL 65C C . -6.49 7.87 -17.05
C20 65C C . -8.72 9.47 -13.38
C16 65C C . -7.05 9.78 -15.12
N2 65C C . -6.57 11.77 -16.37
C15 65C C . -3.94 11.27 -16.69
N 65C C . -4.34 8.61 -14.12
N1 65C C . -3.28 8.55 -16.17
C1 65C C . -2.91 7.53 -15.38
C 65C C . -1.95 6.41 -15.66
N3 65C C . -6.30 13.77 -17.56
C7 65C C . -7.69 14.10 -17.52
C8 65C C . -8.25 13.42 -18.77
N4 65C C . -9.69 13.33 -18.73
N5 65C C . -11.73 12.72 -17.88
N6 65C C . -13.85 9.49 -15.34
MG MG D . 9.58 8.91 6.28
O1 MES E . -12.71 -9.26 -0.38
C2 MES E . -13.91 -9.08 0.39
C3 MES E . -14.66 -7.82 -0.02
N4 MES E . -14.04 -7.24 -1.24
C5 MES E . -14.01 -8.34 -2.23
C6 MES E . -12.94 -9.35 -1.80
C7 MES E . -14.73 -6.03 -1.77
C8 MES E . -14.60 -4.79 -0.87
S MES E . -16.06 -4.11 -0.40
O1S MES E . -16.11 -3.51 1.00
O2S MES E . -16.34 -3.13 -1.47
O3S MES E . -17.11 -5.15 -0.45
C2 65C F . 15.76 -1.56 -4.31
C3 65C F . 17.62 -2.67 -4.63
C4 65C F . 18.80 -3.61 -4.70
C5 65C F . 19.35 -4.26 -3.59
C6 65C F . 20.97 -5.29 -4.91
N7 65C F . 20.46 -4.69 -6.00
C9 65C F . 23.93 -6.06 -1.10
C10 65C F . 23.86 -6.60 1.20
C11 65C F . 22.76 -5.78 1.42
C12 65C F . 22.24 -5.09 0.33
C13 65C F . 22.80 -5.24 -0.93
C14 65C F . 22.22 -5.67 2.61
C21 65C F . 18.39 -5.19 -1.51
CL1 65C F . 17.78 -3.60 2.21
C19 65C F . 18.22 -3.82 0.48
C18 65C F . 18.77 -2.77 -0.20
C17 65C F . 19.14 -2.90 -1.54
CL 65C F . 19.88 -1.49 -2.38
C20 65C F . 18.03 -5.04 -0.17
C16 65C F . 18.93 -4.12 -2.19
N2 65C F . 20.42 -5.07 -3.72
C15 65C F . 19.40 -3.87 -5.93
N 65C F . 16.40 -2.72 -4.01
N1 65C F . 17.78 -1.51 -5.32
C1 65C F . 16.63 -0.83 -5.11
C 65C F . 16.15 0.53 -5.58
N3 65C F . 22.03 -6.13 -5.04
C7 65C F . 22.71 -6.74 -3.92
C8 65C F . 23.93 -5.87 -3.56
N4 65C F . 24.52 -6.28 -2.30
N5 65C F . 24.42 -6.73 -0.03
N6 65C F . 21.69 -5.59 3.66
MG MG G . -6.15 -7.52 -10.26
O1 MES H . 3.00 4.24 15.66
C2 MES H . 4.33 4.71 15.46
C3 MES H . 5.16 3.66 14.73
N4 MES H . 5.16 2.41 15.54
C5 MES H . 3.77 1.91 15.67
C6 MES H . 2.94 2.98 16.37
C7 MES H . 6.18 1.45 15.00
C8 MES H . 5.69 0.05 14.58
S MES H . 6.15 -1.24 15.54
O1S MES H . 7.01 -2.00 14.64
O2S MES H . 7.01 -0.82 16.67
O3S MES H . 4.97 -2.08 15.98
#